data_6PFQ
#
_entry.id   6PFQ
#
_cell.length_a   69.927
_cell.length_b   107.364
_cell.length_c   113.902
_cell.angle_alpha   90.00
_cell.angle_beta   90.00
_cell.angle_gamma   90.00
#
_symmetry.space_group_name_H-M   'P 21 21 21'
#
loop_
_entity.id
_entity.type
_entity.pdbx_description
1 polymer 'Uncharacterized protein YLR132C'
2 non-polymer GLYCEROL
3 water water
#
_entity_poly.entity_id   1
_entity_poly.type   'polypeptide(L)'
_entity_poly.pdbx_seq_one_letter_code
;MVAPVSKNIGFLFLELRLDSKQQQIMDLVLKGVNAVMDTHHRNSFEPLHRGKFGAMKPLHVSLSETMMFANESELEEKMG
RIRQEIRALECKSVPVALSGGWLVYENFDASLQFLAVGLSEPARGRLKPVLSIVEKYKPRSPVSRQPVGLNNLHVSFGVA
QNAYLQQDESVSRQRLDSLRNLVATEASDRLPLLRANLQFRCHELKAKVGTSVITLPL
;
_entity_poly.pdbx_strand_id   C,A,B
#
loop_
_chem_comp.id
_chem_comp.type
_chem_comp.name
_chem_comp.formula
GOL non-polymer GLYCEROL 'C3 H8 O3'
#
# COMPACT_ATOMS: atom_id res chain seq x y z
N PRO A 4 1.01 -8.12 -8.40
CA PRO A 4 2.31 -7.49 -8.18
C PRO A 4 3.22 -8.37 -7.31
N VAL A 5 3.71 -7.79 -6.23
CA VAL A 5 4.57 -8.53 -5.33
C VAL A 5 3.78 -9.62 -4.67
N SER A 6 2.48 -9.41 -4.51
CA SER A 6 1.62 -10.32 -3.78
C SER A 6 1.16 -11.47 -4.66
N LYS A 7 1.66 -11.57 -5.89
CA LYS A 7 1.23 -12.65 -6.78
C LYS A 7 1.59 -14.00 -6.16
N ASN A 8 0.59 -14.89 -6.09
CA ASN A 8 0.76 -16.25 -5.59
C ASN A 8 1.10 -16.30 -4.10
N ILE A 9 0.70 -15.27 -3.35
CA ILE A 9 0.95 -15.21 -1.90
C ILE A 9 -0.35 -15.53 -1.19
N GLY A 10 -0.31 -16.40 -0.20
CA GLY A 10 -1.49 -16.70 0.61
C GLY A 10 -1.15 -16.64 2.08
N PHE A 11 -2.16 -16.33 2.90
CA PHE A 11 -1.99 -16.23 4.34
C PHE A 11 -3.35 -16.42 4.99
N LEU A 12 -3.39 -17.15 6.11
CA LEU A 12 -4.64 -17.50 6.78
C LEU A 12 -4.70 -16.80 8.13
N PHE A 13 -5.90 -16.35 8.52
CA PHE A 13 -6.02 -15.64 9.80
C PHE A 13 -7.48 -15.67 10.26
N LEU A 14 -7.66 -15.35 11.55
CA LEU A 14 -8.96 -15.10 12.17
C LEU A 14 -9.13 -13.60 12.31
N GLU A 15 -10.35 -13.11 12.10
CA GLU A 15 -10.64 -11.69 12.23
C GLU A 15 -11.50 -11.47 13.47
N LEU A 16 -11.11 -10.49 14.30
CA LEU A 16 -11.72 -10.20 15.60
C LEU A 16 -12.29 -8.79 15.59
N ARG A 17 -13.60 -8.66 15.46
CA ARG A 17 -14.23 -7.36 15.48
C ARG A 17 -14.60 -7.03 16.92
N LEU A 18 -14.09 -5.89 17.42
CA LEU A 18 -14.31 -5.49 18.81
C LEU A 18 -15.63 -4.75 18.95
N ASP A 19 -16.33 -5.04 20.03
CA ASP A 19 -17.52 -4.27 20.32
C ASP A 19 -17.11 -3.00 21.05
N SER A 20 -18.12 -2.17 21.34
CA SER A 20 -17.86 -0.88 21.98
C SER A 20 -17.11 -1.02 23.29
N LYS A 21 -17.53 -1.97 24.14
CA LYS A 21 -16.87 -2.11 25.43
C LYS A 21 -15.41 -2.55 25.26
N GLN A 22 -15.16 -3.49 24.36
CA GLN A 22 -13.78 -3.94 24.12
C GLN A 22 -12.92 -2.80 23.58
N GLN A 23 -13.49 -1.97 22.71
CA GLN A 23 -12.72 -0.83 22.21
C GLN A 23 -12.29 0.10 23.35
N GLN A 24 -13.21 0.36 24.30
CA GLN A 24 -12.92 1.29 25.39
C GLN A 24 -11.91 0.71 26.35
N ILE A 25 -11.99 -0.61 26.60
CA ILE A 25 -10.98 -1.27 27.40
C ILE A 25 -9.62 -1.16 26.72
N MET A 26 -9.57 -1.36 25.41
CA MET A 26 -8.25 -1.31 24.79
C MET A 26 -7.71 0.13 24.78
N ASP A 27 -8.58 1.13 24.66
CA ASP A 27 -8.14 2.52 24.83
C ASP A 27 -7.43 2.70 26.17
N LEU A 28 -8.05 2.29 27.28
N LEU A 28 -8.08 2.28 27.25
CA LEU A 28 -7.41 2.58 28.56
CA LEU A 28 -7.53 2.46 28.59
C LEU A 28 -6.18 1.71 28.79
C LEU A 28 -6.22 1.72 28.73
N VAL A 29 -6.20 0.46 28.33
CA VAL A 29 -5.01 -0.39 28.50
C VAL A 29 -3.82 0.19 27.74
N LEU A 30 -4.02 0.56 26.48
CA LEU A 30 -2.89 1.06 25.69
C LEU A 30 -2.45 2.43 26.17
N LYS A 31 -3.37 3.25 26.66
CA LYS A 31 -2.93 4.53 27.21
C LYS A 31 -2.02 4.30 28.40
N GLY A 32 -2.34 3.30 29.20
CA GLY A 32 -1.55 3.03 30.37
C GLY A 32 -0.19 2.49 30.03
N VAL A 33 -0.12 1.58 29.05
CA VAL A 33 1.18 1.09 28.57
C VAL A 33 2.01 2.25 28.05
N ASN A 34 1.41 3.13 27.26
CA ASN A 34 2.18 4.20 26.66
C ASN A 34 2.61 5.24 27.70
N ALA A 35 1.87 5.40 28.79
CA ALA A 35 2.37 6.26 29.87
C ALA A 35 3.67 5.71 30.44
N VAL A 36 3.77 4.38 30.57
CA VAL A 36 5.03 3.77 30.98
C VAL A 36 6.12 3.96 29.92
N MET A 37 5.78 3.83 28.63
CA MET A 37 6.80 4.08 27.60
C MET A 37 7.30 5.53 27.68
N ASP A 38 6.40 6.49 27.87
CA ASP A 38 6.81 7.89 27.99
C ASP A 38 7.76 8.08 29.16
N THR A 39 7.38 7.56 30.33
CA THR A 39 8.22 7.70 31.52
C THR A 39 9.63 7.20 31.26
N HIS A 40 9.76 6.13 30.49
CA HIS A 40 11.06 5.51 30.25
C HIS A 40 11.69 5.95 28.94
N HIS A 41 11.14 6.99 28.29
CA HIS A 41 11.71 7.53 27.05
C HIS A 41 11.82 6.45 25.98
N ARG A 42 10.78 5.62 25.90
CA ARG A 42 10.65 4.60 24.86
C ARG A 42 9.60 5.02 23.83
N ASN A 43 9.70 4.42 22.63
CA ASN A 43 8.65 4.60 21.63
C ASN A 43 7.31 4.04 22.11
N SER A 44 6.25 4.74 21.75
CA SER A 44 4.88 4.34 22.06
C SER A 44 4.26 3.43 21.00
N PHE A 45 3.24 2.69 21.44
CA PHE A 45 2.49 1.75 20.61
C PHE A 45 1.28 2.44 20.00
N GLU A 46 1.19 2.37 18.67
CA GLU A 46 -0.04 2.79 18.00
C GLU A 46 -1.12 1.74 18.23
N PRO A 47 -2.29 2.11 18.72
CA PRO A 47 -3.38 1.12 18.89
C PRO A 47 -3.79 0.54 17.55
N LEU A 48 -3.90 -0.80 17.49
CA LEU A 48 -4.28 -1.48 16.25
C LEU A 48 -5.79 -1.60 16.06
N HIS A 49 -6.58 -1.27 17.07
CA HIS A 49 -8.02 -1.41 16.91
C HIS A 49 -8.71 -0.15 16.40
N ARG A 50 -7.96 0.91 16.15
CA ARG A 50 -8.56 2.19 15.74
C ARG A 50 -7.77 2.78 14.61
N GLY A 51 -8.48 3.47 13.71
CA GLY A 51 -7.85 4.24 12.68
C GLY A 51 -8.04 5.73 12.96
N LYS A 52 -7.89 6.52 11.91
CA LYS A 52 -8.12 7.94 12.03
C LYS A 52 -9.58 8.19 12.35
N PHE A 53 -9.83 9.23 13.16
CA PHE A 53 -11.16 9.63 13.56
C PHE A 53 -11.92 8.48 14.22
N GLY A 54 -11.19 7.62 14.92
CA GLY A 54 -11.79 6.46 15.55
C GLY A 54 -12.51 5.50 14.62
N ALA A 55 -12.23 5.52 13.32
CA ALA A 55 -12.54 4.39 12.46
C ALA A 55 -12.11 3.09 13.15
N MET A 56 -12.93 2.07 13.04
CA MET A 56 -12.69 0.77 13.67
C MET A 56 -11.84 -0.10 12.77
N LYS A 57 -10.94 -0.87 13.40
CA LYS A 57 -10.16 -1.85 12.66
C LYS A 57 -10.31 -3.16 13.41
N PRO A 58 -10.57 -4.27 12.73
CA PRO A 58 -10.55 -5.56 13.45
C PRO A 58 -9.13 -5.90 13.86
N LEU A 59 -9.02 -6.69 14.94
CA LEU A 59 -7.77 -7.36 15.28
C LEU A 59 -7.72 -8.73 14.59
N HIS A 60 -6.62 -9.45 14.78
N HIS A 60 -6.60 -9.44 14.72
CA HIS A 60 -6.37 -10.67 14.03
CA HIS A 60 -6.53 -10.72 14.04
C HIS A 60 -5.68 -11.71 14.90
C HIS A 60 -5.61 -11.69 14.76
N VAL A 61 -5.84 -12.98 14.51
CA VAL A 61 -4.91 -14.04 14.90
C VAL A 61 -4.32 -14.62 13.62
N SER A 62 -3.00 -14.49 13.44
CA SER A 62 -2.34 -15.14 12.31
C SER A 62 -2.35 -16.65 12.51
N LEU A 63 -2.70 -17.39 11.44
CA LEU A 63 -2.77 -18.84 11.45
C LEU A 63 -1.79 -19.49 10.49
N SER A 64 -1.11 -18.71 9.64
CA SER A 64 -0.04 -19.23 8.82
C SER A 64 1.03 -18.17 8.66
N GLU A 65 2.23 -18.62 8.26
CA GLU A 65 3.23 -17.73 7.72
C GLU A 65 2.75 -17.14 6.39
N THR A 66 3.52 -16.19 5.86
CA THR A 66 3.28 -15.69 4.50
C THR A 66 3.64 -16.81 3.55
N MET A 67 2.64 -17.40 2.90
CA MET A 67 2.91 -18.58 2.09
C MET A 67 3.19 -18.14 0.66
N MET A 68 4.37 -18.46 0.17
CA MET A 68 4.74 -18.03 -1.17
C MET A 68 4.68 -19.23 -2.08
N PHE A 69 3.60 -19.33 -2.84
CA PHE A 69 3.47 -20.47 -3.73
C PHE A 69 4.24 -20.23 -5.02
N ALA A 70 4.56 -21.36 -5.68
CA ALA A 70 5.42 -21.31 -6.86
C ALA A 70 4.69 -20.77 -8.08
N ASN A 71 3.38 -20.94 -8.14
CA ASN A 71 2.62 -20.50 -9.30
C ASN A 71 1.15 -20.49 -8.91
N GLU A 72 0.32 -19.98 -9.83
CA GLU A 72 -1.12 -19.90 -9.56
C GLU A 72 -1.72 -21.28 -9.37
N SER A 73 -1.22 -22.28 -10.10
CA SER A 73 -1.78 -23.62 -9.96
C SER A 73 -1.53 -24.18 -8.57
N GLU A 74 -0.31 -24.00 -8.06
CA GLU A 74 -0.04 -24.54 -6.74
C GLU A 74 -0.82 -23.77 -5.67
N LEU A 75 -0.93 -22.45 -5.81
CA LEU A 75 -1.76 -21.63 -4.93
C LEU A 75 -3.17 -22.19 -4.83
N GLU A 76 -3.80 -22.43 -5.99
CA GLU A 76 -5.17 -22.94 -6.01
C GLU A 76 -5.26 -24.37 -5.49
N GLU A 77 -4.33 -25.23 -5.89
CA GLU A 77 -4.33 -26.61 -5.39
C GLU A 77 -4.25 -26.62 -3.88
N LYS A 78 -3.25 -25.94 -3.32
CA LYS A 78 -3.02 -26.03 -1.89
C LYS A 78 -4.07 -25.26 -1.09
N MET A 79 -4.44 -24.04 -1.51
CA MET A 79 -5.46 -23.31 -0.76
C MET A 79 -6.81 -24.00 -0.83
N GLY A 80 -7.17 -24.56 -2.00
CA GLY A 80 -8.42 -25.31 -2.07
C GLY A 80 -8.44 -26.50 -1.14
N ARG A 81 -7.34 -27.26 -1.07
CA ARG A 81 -7.27 -28.37 -0.13
C ARG A 81 -7.39 -27.86 1.31
N ILE A 82 -6.72 -26.75 1.62
CA ILE A 82 -6.86 -26.16 2.96
C ILE A 82 -8.33 -25.84 3.26
N ARG A 83 -9.00 -25.11 2.35
CA ARG A 83 -10.40 -24.75 2.54
C ARG A 83 -11.28 -25.98 2.72
N GLN A 84 -11.11 -26.98 1.86
CA GLN A 84 -11.95 -28.17 1.94
C GLN A 84 -11.73 -28.91 3.25
N GLU A 85 -10.46 -29.08 3.65
CA GLU A 85 -10.20 -29.81 4.88
C GLU A 85 -10.65 -29.02 6.12
N ILE A 86 -10.55 -27.69 6.09
CA ILE A 86 -11.06 -26.94 7.24
C ILE A 86 -12.57 -27.10 7.35
N ARG A 87 -13.28 -27.00 6.22
CA ARG A 87 -14.72 -27.25 6.21
C ARG A 87 -15.05 -28.62 6.76
N ALA A 88 -14.24 -29.63 6.42
CA ALA A 88 -14.51 -30.98 6.87
C ALA A 88 -14.25 -31.18 8.36
N LEU A 89 -13.62 -30.21 9.03
CA LEU A 89 -13.46 -30.36 10.46
C LEU A 89 -14.83 -30.35 11.14
N GLU A 90 -14.89 -31.04 12.28
CA GLU A 90 -16.12 -31.11 13.05
C GLU A 90 -16.51 -29.72 13.57
N CYS A 91 -15.54 -28.95 14.06
CA CYS A 91 -15.84 -27.72 14.79
C CYS A 91 -16.65 -26.80 13.89
N LYS A 92 -17.52 -26.01 14.53
CA LYS A 92 -18.35 -25.02 13.85
C LYS A 92 -17.94 -23.61 14.19
N SER A 93 -17.11 -23.44 15.20
CA SER A 93 -16.64 -22.14 15.61
C SER A 93 -15.42 -22.45 16.45
N VAL A 94 -14.57 -21.46 16.61
CA VAL A 94 -13.44 -21.62 17.52
C VAL A 94 -13.45 -20.43 18.48
N PRO A 95 -13.16 -20.66 19.75
CA PRO A 95 -13.10 -19.56 20.72
C PRO A 95 -11.73 -18.90 20.66
N VAL A 96 -11.71 -17.60 20.89
CA VAL A 96 -10.46 -16.88 21.02
C VAL A 96 -10.46 -16.17 22.38
N ALA A 97 -9.49 -16.51 23.22
CA ALA A 97 -9.32 -15.86 24.50
C ALA A 97 -7.82 -15.88 24.76
N LEU A 98 -7.39 -15.04 25.70
CA LEU A 98 -5.96 -14.76 25.90
C LEU A 98 -5.51 -15.17 27.29
N SER A 99 -4.22 -15.46 27.42
CA SER A 99 -3.71 -15.87 28.71
C SER A 99 -2.32 -15.28 28.87
N GLY A 100 -1.91 -15.00 30.11
CA GLY A 100 -0.51 -14.65 30.34
C GLY A 100 -0.28 -13.17 30.17
N GLY A 101 1.00 -12.81 30.03
CA GLY A 101 1.41 -11.42 30.06
C GLY A 101 1.68 -10.84 28.67
N TRP A 102 2.17 -9.61 28.67
CA TRP A 102 2.54 -8.95 27.43
C TRP A 102 3.68 -9.68 26.74
N LEU A 103 3.58 -9.76 25.40
CA LEU A 103 4.64 -10.24 24.55
C LEU A 103 4.98 -9.14 23.55
N VAL A 104 6.22 -9.13 23.05
CA VAL A 104 6.56 -8.21 21.95
C VAL A 104 7.13 -9.04 20.82
N TYR A 105 6.44 -9.00 19.68
CA TYR A 105 6.87 -9.71 18.46
C TYR A 105 7.33 -8.72 17.41
N GLU A 106 8.44 -9.03 16.72
CA GLU A 106 8.93 -8.20 15.62
C GLU A 106 8.39 -8.69 14.29
N ASN A 107 8.20 -7.76 13.35
CA ASN A 107 7.84 -8.16 11.99
C ASN A 107 9.10 -8.61 11.25
N PHE A 108 8.96 -8.85 9.92
CA PHE A 108 10.00 -9.60 9.18
C PHE A 108 11.33 -8.85 9.09
N ASP A 109 11.32 -7.50 9.10
CA ASP A 109 12.53 -6.71 8.96
C ASP A 109 12.89 -6.00 10.26
N ALA A 110 12.21 -6.37 11.35
CA ALA A 110 12.38 -5.80 12.68
C ALA A 110 12.10 -4.29 12.72
N SER A 111 11.35 -3.77 11.74
CA SER A 111 11.06 -2.35 11.79
C SER A 111 9.93 -2.02 12.77
N LEU A 112 9.06 -2.99 13.06
CA LEU A 112 7.90 -2.76 13.92
C LEU A 112 7.91 -3.77 15.05
N GLN A 113 7.47 -3.35 16.23
CA GLN A 113 7.44 -4.21 17.41
C GLN A 113 6.01 -4.23 17.91
N PHE A 114 5.39 -5.41 17.88
CA PHE A 114 3.98 -5.56 18.17
C PHE A 114 3.77 -5.99 19.60
N LEU A 115 2.94 -5.25 20.33
CA LEU A 115 2.56 -5.60 21.69
C LEU A 115 1.37 -6.54 21.62
N ALA A 116 1.51 -7.74 22.20
CA ALA A 116 0.60 -8.85 21.98
C ALA A 116 0.34 -9.58 23.29
N VAL A 117 -0.71 -10.41 23.28
CA VAL A 117 -0.95 -11.39 24.35
C VAL A 117 -1.17 -12.75 23.70
N GLY A 118 -0.59 -13.80 24.29
CA GLY A 118 -0.76 -15.13 23.72
C GLY A 118 -2.16 -15.70 23.89
N LEU A 119 -2.53 -16.61 22.99
CA LEU A 119 -3.84 -17.25 23.16
C LEU A 119 -3.86 -18.20 24.36
N SER A 120 -5.05 -18.33 24.94
CA SER A 120 -5.23 -19.28 26.05
C SER A 120 -5.05 -20.73 25.60
N GLU A 121 -4.79 -21.61 26.59
CA GLU A 121 -4.60 -23.02 26.27
C GLU A 121 -5.79 -23.62 25.54
N PRO A 122 -7.04 -23.40 25.95
CA PRO A 122 -8.16 -23.96 25.15
C PRO A 122 -8.27 -23.36 23.76
N ALA A 123 -7.98 -22.06 23.59
CA ALA A 123 -8.01 -21.49 22.25
C ALA A 123 -6.96 -22.12 21.35
N ARG A 124 -5.74 -22.32 21.86
CA ARG A 124 -4.73 -22.97 21.03
C ARG A 124 -5.13 -24.39 20.70
N GLY A 125 -5.69 -25.10 21.68
CA GLY A 125 -6.07 -26.49 21.45
C GLY A 125 -7.12 -26.63 20.37
N ARG A 126 -8.10 -25.73 20.34
CA ARG A 126 -9.12 -25.79 19.29
C ARG A 126 -8.57 -25.39 17.93
N LEU A 127 -7.50 -24.60 17.88
CA LEU A 127 -6.91 -24.26 16.60
C LEU A 127 -5.91 -25.30 16.11
N LYS A 128 -5.47 -26.21 16.98
CA LYS A 128 -4.51 -27.22 16.55
C LYS A 128 -4.91 -27.96 15.28
N PRO A 129 -6.17 -28.37 15.09
CA PRO A 129 -6.50 -29.08 13.84
C PRO A 129 -6.41 -28.17 12.61
N VAL A 130 -6.67 -26.86 12.78
CA VAL A 130 -6.47 -25.91 11.69
C VAL A 130 -5.00 -25.78 11.35
N LEU A 131 -4.14 -25.56 12.35
CA LEU A 131 -2.72 -25.46 12.07
C LEU A 131 -2.20 -26.73 11.41
N SER A 132 -2.73 -27.89 11.82
CA SER A 132 -2.27 -29.14 11.22
C SER A 132 -2.55 -29.17 9.72
N ILE A 133 -3.72 -28.67 9.31
CA ILE A 133 -4.04 -28.60 7.90
C ILE A 133 -3.09 -27.66 7.17
N VAL A 134 -2.81 -26.49 7.77
CA VAL A 134 -1.87 -25.55 7.16
C VAL A 134 -0.49 -26.18 6.98
N GLU A 135 -0.01 -26.85 8.03
CA GLU A 135 1.31 -27.48 7.93
C GLU A 135 1.34 -28.52 6.82
N LYS A 136 0.23 -29.21 6.59
CA LYS A 136 0.20 -30.24 5.55
C LYS A 136 0.33 -29.64 4.16
N TYR A 137 -0.31 -28.50 3.91
CA TYR A 137 -0.41 -27.98 2.55
C TYR A 137 0.47 -26.76 2.26
N LYS A 138 1.14 -26.19 3.25
CA LYS A 138 1.84 -24.95 2.95
C LYS A 138 3.07 -25.22 2.09
N PRO A 139 3.50 -24.24 1.28
CA PRO A 139 4.68 -24.45 0.44
C PRO A 139 5.91 -24.77 1.28
N ARG A 140 6.79 -25.58 0.70
CA ARG A 140 8.04 -25.91 1.37
C ARG A 140 8.94 -24.67 1.46
N SER A 141 8.90 -23.83 0.43
CA SER A 141 9.64 -22.57 0.33
C SER A 141 9.98 -21.88 1.66
N ARG A 145 10.66 -16.98 7.49
CA ARG A 145 11.55 -17.19 8.63
C ARG A 145 10.88 -16.79 9.94
N GLN A 146 9.57 -16.51 9.86
CA GLN A 146 8.75 -16.19 11.04
C GLN A 146 7.61 -17.20 11.06
N PRO A 147 7.88 -18.41 11.53
CA PRO A 147 6.85 -19.45 11.50
C PRO A 147 5.71 -19.10 12.45
N VAL A 148 4.53 -19.57 12.08
CA VAL A 148 3.35 -19.46 12.92
C VAL A 148 3.07 -20.86 13.45
N GLY A 149 2.87 -21.00 14.75
CA GLY A 149 2.61 -22.31 15.30
C GLY A 149 1.93 -22.22 16.64
N LEU A 150 1.60 -23.39 17.20
CA LEU A 150 0.93 -23.44 18.48
C LEU A 150 1.70 -22.65 19.54
N ASN A 151 3.02 -22.68 19.45
CA ASN A 151 3.82 -22.04 20.48
C ASN A 151 3.72 -20.52 20.45
N ASN A 152 3.29 -19.91 19.33
CA ASN A 152 3.31 -18.44 19.31
C ASN A 152 1.99 -17.82 18.87
N LEU A 153 0.88 -18.56 18.90
CA LEU A 153 -0.41 -17.93 18.59
C LEU A 153 -0.65 -16.76 19.51
N HIS A 154 -1.08 -15.62 18.95
CA HIS A 154 -1.26 -14.42 19.77
C HIS A 154 -2.24 -13.47 19.09
N VAL A 155 -2.70 -12.46 19.85
CA VAL A 155 -3.36 -11.29 19.29
C VAL A 155 -2.48 -10.09 19.56
N SER A 156 -2.15 -9.30 18.51
CA SER A 156 -1.45 -8.05 18.71
C SER A 156 -2.42 -6.90 18.92
N PHE A 157 -2.10 -6.02 19.87
CA PHE A 157 -2.97 -4.91 20.23
C PHE A 157 -2.40 -3.55 19.87
N GLY A 158 -1.08 -3.43 19.78
CA GLY A 158 -0.46 -2.16 19.48
C GLY A 158 0.81 -2.41 18.71
N VAL A 159 1.33 -1.35 18.08
CA VAL A 159 2.55 -1.54 17.30
C VAL A 159 3.41 -0.30 17.45
N ALA A 160 4.68 -0.50 17.76
CA ALA A 160 5.65 0.59 17.92
C ALA A 160 6.75 0.46 16.86
N GLN A 161 7.37 1.59 16.51
CA GLN A 161 8.54 1.57 15.64
C GLN A 161 9.76 1.13 16.42
N ASN A 162 10.60 0.34 15.79
CA ASN A 162 11.86 -0.04 16.42
C ASN A 162 12.85 1.11 16.26
N ALA A 163 13.10 1.86 17.34
CA ALA A 163 14.06 2.97 17.25
C ALA A 163 15.47 2.50 16.94
N TYR A 164 15.77 1.22 17.14
CA TYR A 164 17.14 0.73 17.02
C TYR A 164 17.34 -0.07 15.75
N LEU A 165 16.40 0.07 14.80
CA LEU A 165 16.38 -0.71 13.57
C LEU A 165 17.72 -0.70 12.84
N GLN A 166 18.37 0.45 12.76
CA GLN A 166 19.59 0.54 11.96
C GLN A 166 20.83 0.48 12.81
N GLN A 167 20.70 0.17 14.09
CA GLN A 167 21.88 -0.08 14.93
C GLN A 167 22.35 -1.54 14.78
N ASP A 168 23.46 -1.87 15.44
CA ASP A 168 23.89 -3.26 15.51
C ASP A 168 22.76 -4.15 15.99
N GLU A 169 22.67 -5.35 15.40
CA GLU A 169 21.61 -6.28 15.78
C GLU A 169 21.62 -6.54 17.27
N SER A 170 22.81 -6.59 17.89
CA SER A 170 22.85 -6.91 19.31
C SER A 170 22.30 -5.76 20.16
N VAL A 171 22.50 -4.52 19.71
CA VAL A 171 21.90 -3.39 20.40
C VAL A 171 20.38 -3.41 20.24
N SER A 172 19.90 -3.63 19.02
CA SER A 172 18.45 -3.72 18.83
C SER A 172 17.85 -4.86 19.64
N ARG A 173 18.51 -6.02 19.66
CA ARG A 173 17.96 -7.12 20.43
C ARG A 173 17.97 -6.83 21.94
N GLN A 174 19.03 -6.18 22.43
CA GLN A 174 19.05 -5.80 23.84
C GLN A 174 17.91 -4.84 24.18
N ARG A 175 17.64 -3.84 23.33
CA ARG A 175 16.56 -2.90 23.65
C ARG A 175 15.20 -3.59 23.53
N LEU A 176 15.07 -4.54 22.62
CA LEU A 176 13.84 -5.32 22.53
C LEU A 176 13.62 -6.17 23.79
N ASP A 177 14.68 -6.82 24.29
CA ASP A 177 14.50 -7.61 25.51
C ASP A 177 14.26 -6.73 26.73
N SER A 178 14.87 -5.56 26.82
CA SER A 178 14.53 -4.69 27.94
C SER A 178 13.15 -4.06 27.75
N LEU A 179 12.69 -3.87 26.52
CA LEU A 179 11.31 -3.42 26.34
C LEU A 179 10.33 -4.51 26.80
N ARG A 180 10.59 -5.77 26.41
CA ARG A 180 9.76 -6.87 26.85
C ARG A 180 9.73 -6.94 28.38
N ASN A 181 10.88 -6.77 29.02
CA ASN A 181 10.90 -6.79 30.49
C ASN A 181 10.16 -5.60 31.07
N LEU A 182 10.29 -4.44 30.44
CA LEU A 182 9.66 -3.24 30.97
C LEU A 182 8.14 -3.35 30.94
N VAL A 183 7.54 -3.76 29.81
CA VAL A 183 6.09 -3.81 29.77
C VAL A 183 5.59 -4.89 30.72
N ALA A 184 6.35 -5.98 30.88
CA ALA A 184 5.91 -7.03 31.79
C ALA A 184 6.00 -6.60 33.26
N THR A 185 7.05 -5.87 33.63
CA THR A 185 7.22 -5.53 35.05
C THR A 185 6.46 -4.28 35.45
N GLU A 186 6.32 -3.30 34.56
CA GLU A 186 5.77 -2.02 34.95
C GLU A 186 4.45 -1.66 34.26
N ALA A 187 4.00 -2.42 33.26
CA ALA A 187 2.82 -2.02 32.48
C ALA A 187 1.76 -3.12 32.38
N SER A 188 1.71 -4.03 33.34
CA SER A 188 0.84 -5.21 33.31
C SER A 188 -0.41 -5.13 34.19
N ASP A 189 -0.66 -4.05 34.94
CA ASP A 189 -1.72 -4.12 35.96
C ASP A 189 -3.11 -4.22 35.38
N ARG A 190 -3.32 -3.77 34.14
CA ARG A 190 -4.66 -3.87 33.57
C ARG A 190 -4.83 -5.12 32.72
N LEU A 191 -3.87 -6.03 32.70
CA LEU A 191 -4.06 -7.25 31.91
C LEU A 191 -5.23 -8.12 32.38
N PRO A 192 -5.56 -8.22 33.67
CA PRO A 192 -6.75 -9.02 34.02
C PRO A 192 -8.00 -8.48 33.37
N LEU A 193 -8.16 -7.15 33.32
CA LEU A 193 -9.29 -6.53 32.64
C LEU A 193 -9.29 -6.88 31.15
N LEU A 194 -8.12 -6.82 30.52
CA LEU A 194 -8.08 -7.15 29.10
C LEU A 194 -8.47 -8.61 28.89
N ARG A 195 -7.82 -9.53 29.63
CA ARG A 195 -8.10 -10.95 29.39
C ARG A 195 -9.57 -11.29 29.68
N ALA A 196 -10.18 -10.62 30.66
CA ALA A 196 -11.57 -10.97 30.95
C ALA A 196 -12.50 -10.54 29.83
N ASN A 197 -12.14 -9.51 29.08
CA ASN A 197 -13.08 -8.90 28.15
C ASN A 197 -12.77 -9.11 26.68
N LEU A 198 -11.50 -9.36 26.33
CA LEU A 198 -11.09 -9.50 24.93
C LEU A 198 -11.19 -10.98 24.56
N GLN A 199 -12.44 -11.44 24.47
CA GLN A 199 -12.74 -12.81 24.08
C GLN A 199 -13.73 -12.78 22.92
N PHE A 200 -13.63 -13.78 22.05
CA PHE A 200 -14.32 -13.82 20.78
C PHE A 200 -14.69 -15.27 20.44
N ARG A 201 -15.70 -15.42 19.59
CA ARG A 201 -15.97 -16.71 18.98
C ARG A 201 -16.01 -16.51 17.47
N CYS A 202 -15.16 -17.23 16.74
CA CYS A 202 -15.05 -17.04 15.30
C CYS A 202 -15.79 -18.17 14.60
N HIS A 203 -16.68 -17.85 13.64
CA HIS A 203 -17.39 -18.88 12.89
C HIS A 203 -16.83 -19.09 11.49
N GLU A 204 -15.70 -18.47 11.16
CA GLU A 204 -15.07 -18.57 9.86
C GLU A 204 -13.62 -18.16 10.04
N LEU A 205 -12.78 -18.62 9.12
CA LEU A 205 -11.44 -18.11 8.89
C LEU A 205 -11.47 -17.17 7.69
N LYS A 206 -10.39 -16.43 7.52
CA LYS A 206 -10.14 -15.61 6.34
C LYS A 206 -8.84 -16.06 5.70
N ALA A 207 -8.73 -15.87 4.39
CA ALA A 207 -7.46 -16.08 3.70
C ALA A 207 -7.23 -14.90 2.78
N LYS A 208 -6.06 -14.26 2.92
CA LYS A 208 -5.57 -13.34 1.89
C LYS A 208 -4.91 -14.15 0.78
N VAL A 209 -5.36 -13.94 -0.45
CA VAL A 209 -4.81 -14.61 -1.62
C VAL A 209 -4.50 -13.51 -2.63
N GLY A 210 -3.22 -13.23 -2.84
CA GLY A 210 -2.87 -12.09 -3.67
C GLY A 210 -3.38 -10.84 -3.00
N THR A 211 -4.19 -10.05 -3.69
CA THR A 211 -4.78 -8.83 -3.16
C THR A 211 -6.23 -9.01 -2.75
N SER A 212 -6.75 -10.24 -2.79
CA SER A 212 -8.11 -10.50 -2.41
C SER A 212 -8.15 -11.20 -1.06
N VAL A 213 -9.31 -11.09 -0.39
CA VAL A 213 -9.56 -11.78 0.88
C VAL A 213 -10.76 -12.68 0.67
N ILE A 214 -10.62 -13.94 1.05
CA ILE A 214 -11.70 -14.92 0.92
C ILE A 214 -12.07 -15.42 2.31
N THR A 215 -13.30 -15.89 2.42
CA THR A 215 -13.81 -16.38 3.70
C THR A 215 -13.92 -17.90 3.64
N LEU A 216 -13.56 -18.56 4.74
CA LEU A 216 -13.50 -20.01 4.82
C LEU A 216 -14.38 -20.41 5.99
N PRO A 217 -15.63 -20.82 5.75
CA PRO A 217 -16.57 -21.05 6.85
C PRO A 217 -16.19 -22.27 7.67
N LEU A 218 -16.52 -22.21 8.95
CA LEU A 218 -16.33 -23.36 9.83
C LEU A 218 -17.60 -24.21 9.86
N ALA B 3 42.87 -1.89 -15.56
CA ALA B 3 41.84 -2.22 -14.57
C ALA B 3 42.25 -3.40 -13.68
N PRO B 4 43.37 -3.26 -12.95
CA PRO B 4 43.86 -4.42 -12.19
C PRO B 4 42.92 -4.90 -11.11
N VAL B 5 42.17 -4.00 -10.49
CA VAL B 5 41.21 -4.41 -9.48
C VAL B 5 40.00 -5.10 -10.12
N SER B 6 39.33 -4.40 -11.03
CA SER B 6 38.00 -4.86 -11.36
C SER B 6 37.94 -5.77 -12.59
N LYS B 7 39.03 -6.45 -12.93
CA LYS B 7 39.01 -7.38 -14.06
C LYS B 7 38.48 -8.74 -13.61
N ASN B 8 38.70 -9.04 -12.34
CA ASN B 8 38.30 -10.29 -11.71
C ASN B 8 37.14 -10.09 -10.76
N ILE B 9 36.38 -9.00 -10.90
CA ILE B 9 35.30 -8.58 -10.00
C ILE B 9 33.94 -8.83 -10.64
N GLY B 10 33.01 -9.39 -9.88
CA GLY B 10 31.65 -9.52 -10.35
C GLY B 10 30.67 -9.17 -9.26
N PHE B 11 29.47 -8.78 -9.68
CA PHE B 11 28.38 -8.68 -8.70
C PHE B 11 27.05 -8.68 -9.45
N LEU B 12 26.01 -9.09 -8.73
CA LEU B 12 24.68 -9.32 -9.28
C LEU B 12 23.71 -8.27 -8.79
N PHE B 13 22.76 -7.87 -9.64
CA PHE B 13 21.77 -6.90 -9.19
C PHE B 13 20.54 -6.99 -10.08
N LEU B 14 19.46 -6.39 -9.59
CA LEU B 14 18.24 -6.17 -10.37
C LEU B 14 18.29 -4.74 -10.85
N GLU B 15 17.86 -4.52 -12.10
CA GLU B 15 17.81 -3.19 -12.67
C GLU B 15 16.37 -2.76 -12.72
N LEU B 16 16.10 -1.55 -12.22
CA LEU B 16 14.74 -1.06 -12.08
C LEU B 16 14.63 0.18 -12.95
N ARG B 17 14.11 0.03 -14.15
CA ARG B 17 13.96 1.16 -15.05
C ARG B 17 12.63 1.83 -14.73
N LEU B 18 12.69 3.10 -14.36
CA LEU B 18 11.51 3.83 -13.99
C LEU B 18 10.82 4.33 -15.25
N ASP B 19 9.51 4.25 -15.26
CA ASP B 19 8.75 4.86 -16.32
C ASP B 19 8.54 6.35 -15.99
N SER B 20 7.85 7.04 -16.88
CA SER B 20 7.66 8.48 -16.74
C SER B 20 7.00 8.83 -15.40
N LYS B 21 5.97 8.08 -15.00
CA LYS B 21 5.27 8.42 -13.76
C LYS B 21 6.16 8.18 -12.56
N GLN B 22 6.87 7.05 -12.54
CA GLN B 22 7.74 6.78 -11.41
C GLN B 22 8.85 7.82 -11.32
N GLN B 23 9.38 8.26 -12.46
CA GLN B 23 10.39 9.32 -12.44
C GLN B 23 9.83 10.60 -11.79
N GLN B 24 8.59 10.96 -12.13
CA GLN B 24 8.01 12.17 -11.56
C GLN B 24 7.70 12.01 -10.08
N ILE B 25 7.28 10.82 -9.66
CA ILE B 25 7.07 10.58 -8.24
C ILE B 25 8.39 10.72 -7.47
N MET B 26 9.48 10.14 -7.99
CA MET B 26 10.72 10.22 -7.24
C MET B 26 11.30 11.66 -7.25
N ASP B 27 11.09 12.42 -8.32
CA ASP B 27 11.43 13.85 -8.32
C ASP B 27 10.77 14.54 -7.14
N LEU B 28 9.48 14.28 -6.96
CA LEU B 28 8.66 14.92 -5.93
C LEU B 28 9.08 14.48 -4.53
N VAL B 29 9.27 13.18 -4.34
CA VAL B 29 9.68 12.68 -3.03
C VAL B 29 11.02 13.30 -2.64
N LEU B 30 11.99 13.24 -3.54
CA LEU B 30 13.31 13.72 -3.14
C LEU B 30 13.33 15.25 -2.98
N LYS B 31 12.53 15.97 -3.76
CA LYS B 31 12.42 17.41 -3.53
C LYS B 31 11.98 17.71 -2.10
N GLY B 32 11.02 16.94 -1.59
CA GLY B 32 10.54 17.18 -0.24
C GLY B 32 11.58 16.81 0.81
N VAL B 33 12.23 15.66 0.65
CA VAL B 33 13.33 15.26 1.55
C VAL B 33 14.43 16.33 1.56
N ASN B 34 14.83 16.78 0.38
CA ASN B 34 15.94 17.75 0.33
C ASN B 34 15.54 19.13 0.83
N ALA B 35 14.25 19.48 0.77
CA ALA B 35 13.83 20.71 1.44
C ALA B 35 14.02 20.60 2.94
N VAL B 36 13.74 19.43 3.50
CA VAL B 36 14.00 19.21 4.92
C VAL B 36 15.50 19.26 5.20
N MET B 37 16.31 18.65 4.32
CA MET B 37 17.74 18.71 4.53
C MET B 37 18.21 20.16 4.54
N ASP B 38 17.72 20.97 3.60
CA ASP B 38 18.07 22.39 3.59
C ASP B 38 17.70 23.07 4.90
N THR B 39 16.48 22.83 5.36
CA THR B 39 16.01 23.43 6.60
C THR B 39 16.94 23.11 7.76
N HIS B 40 17.46 21.89 7.80
CA HIS B 40 18.34 21.49 8.90
C HIS B 40 19.82 21.61 8.57
N HIS B 41 20.18 22.25 7.46
CA HIS B 41 21.57 22.49 7.07
C HIS B 41 22.35 21.18 6.94
N ARG B 42 21.71 20.17 6.35
CA ARG B 42 22.33 18.90 6.03
C ARG B 42 22.56 18.80 4.54
N ASN B 43 23.49 17.92 4.16
CA ASN B 43 23.68 17.67 2.74
C ASN B 43 22.41 17.09 2.12
N SER B 44 22.17 17.47 0.87
CA SER B 44 21.05 16.98 0.11
C SER B 44 21.39 15.62 -0.51
N PHE B 45 20.36 14.82 -0.77
CA PHE B 45 20.50 13.53 -1.45
C PHE B 45 20.38 13.77 -2.95
N GLU B 46 21.44 13.50 -3.69
CA GLU B 46 21.33 13.55 -5.15
C GLU B 46 20.43 12.42 -5.64
N PRO B 47 19.42 12.71 -6.45
CA PRO B 47 18.54 11.66 -6.97
C PRO B 47 19.27 10.61 -7.81
N LEU B 48 19.02 9.36 -7.49
CA LEU B 48 19.73 8.29 -8.19
C LEU B 48 19.07 7.89 -9.50
N HIS B 49 17.84 8.34 -9.76
CA HIS B 49 17.12 8.03 -10.98
C HIS B 49 17.33 9.05 -12.10
N ARG B 50 18.18 10.05 -11.88
CA ARG B 50 18.46 11.08 -12.88
C ARG B 50 19.95 11.28 -12.99
N GLY B 51 20.44 11.40 -14.21
CA GLY B 51 21.84 11.66 -14.46
C GLY B 51 22.06 12.98 -15.17
N LYS B 52 23.24 13.14 -15.76
CA LYS B 52 23.53 14.37 -16.50
C LYS B 52 22.46 14.59 -17.58
N PHE B 53 22.16 15.87 -17.84
CA PHE B 53 21.12 16.31 -18.77
C PHE B 53 19.71 15.85 -18.39
N GLY B 54 19.51 15.44 -17.14
CA GLY B 54 18.22 14.93 -16.73
C GLY B 54 17.90 13.53 -17.22
N ALA B 55 18.86 12.84 -17.85
CA ALA B 55 18.58 11.51 -18.38
C ALA B 55 18.10 10.58 -17.26
N MET B 56 17.20 9.66 -17.62
CA MET B 56 16.74 8.70 -16.60
C MET B 56 17.83 7.68 -16.37
N LYS B 57 18.03 7.33 -15.12
CA LYS B 57 18.98 6.29 -14.77
C LYS B 57 18.22 5.24 -14.00
N PRO B 58 18.44 3.95 -14.27
CA PRO B 58 17.71 2.94 -13.50
C PRO B 58 18.18 2.92 -12.05
N LEU B 59 17.27 2.54 -11.17
CA LEU B 59 17.63 2.20 -9.80
C LEU B 59 18.02 0.71 -9.77
N HIS B 60 18.39 0.20 -8.60
N HIS B 60 18.50 0.22 -8.62
CA HIS B 60 18.95 -1.13 -8.52
CA HIS B 60 18.81 -1.20 -8.58
C HIS B 60 18.61 -1.78 -7.18
C HIS B 60 18.56 -1.78 -7.20
N VAL B 61 18.55 -3.11 -7.18
CA VAL B 61 18.61 -3.91 -5.95
C VAL B 61 19.91 -4.68 -6.02
N SER B 62 20.82 -4.40 -5.09
CA SER B 62 22.02 -5.22 -5.07
C SER B 62 21.66 -6.61 -4.60
N LEU B 63 22.21 -7.64 -5.27
CA LEU B 63 21.97 -9.02 -4.89
C LEU B 63 23.22 -9.73 -4.41
N SER B 64 24.39 -9.12 -4.58
CA SER B 64 25.61 -9.62 -3.97
C SER B 64 26.49 -8.42 -3.67
N GLU B 65 27.41 -8.60 -2.73
CA GLU B 65 28.51 -7.66 -2.62
C GLU B 65 29.45 -7.85 -3.80
N THR B 66 30.45 -6.98 -3.88
CA THR B 66 31.52 -7.15 -4.85
C THR B 66 32.29 -8.43 -4.52
N MET B 67 32.42 -9.31 -5.52
CA MET B 67 33.09 -10.59 -5.42
C MET B 67 34.35 -10.58 -6.28
N MET B 68 35.47 -11.04 -5.73
CA MET B 68 36.75 -11.05 -6.45
C MET B 68 37.19 -12.48 -6.70
N PHE B 69 37.11 -12.89 -7.96
CA PHE B 69 37.49 -14.22 -8.40
C PHE B 69 38.99 -14.26 -8.67
N ALA B 70 39.51 -15.46 -8.90
CA ALA B 70 40.96 -15.62 -9.01
C ALA B 70 41.51 -14.98 -10.30
N ASN B 71 40.71 -14.93 -11.35
CA ASN B 71 41.11 -14.37 -12.63
C ASN B 71 39.83 -14.16 -13.43
N GLU B 72 39.96 -13.47 -14.56
CA GLU B 72 38.80 -13.18 -15.40
C GLU B 72 38.11 -14.45 -15.90
N SER B 73 38.89 -15.50 -16.25
CA SER B 73 38.21 -16.69 -16.76
C SER B 73 37.37 -17.36 -15.67
N GLU B 74 37.84 -17.37 -14.41
CA GLU B 74 37.01 -17.98 -13.37
C GLU B 74 35.75 -17.17 -13.11
N LEU B 75 35.90 -15.85 -13.09
CA LEU B 75 34.76 -14.96 -13.03
C LEU B 75 33.73 -15.30 -14.10
N GLU B 76 34.18 -15.46 -15.34
CA GLU B 76 33.25 -15.70 -16.44
C GLU B 76 32.62 -17.07 -16.33
N GLU B 77 33.40 -18.09 -15.98
CA GLU B 77 32.80 -19.41 -15.77
C GLU B 77 31.71 -19.32 -14.72
N LYS B 78 32.01 -18.71 -13.57
CA LYS B 78 31.05 -18.72 -12.47
C LYS B 78 29.80 -17.90 -12.80
N MET B 79 29.97 -16.75 -13.47
CA MET B 79 28.78 -15.99 -13.87
C MET B 79 27.93 -16.79 -14.84
N GLY B 80 28.57 -17.53 -15.75
CA GLY B 80 27.83 -18.44 -16.63
C GLY B 80 27.06 -19.50 -15.86
N ARG B 81 27.67 -20.05 -14.80
CA ARG B 81 26.98 -21.04 -13.98
C ARG B 81 25.78 -20.43 -13.27
N ILE B 82 25.96 -19.25 -12.69
CA ILE B 82 24.84 -18.51 -12.09
C ILE B 82 23.75 -18.28 -13.14
N ARG B 83 24.16 -17.81 -14.31
CA ARG B 83 23.22 -17.54 -15.39
C ARG B 83 22.40 -18.77 -15.73
N GLN B 84 23.06 -19.93 -15.80
CA GLN B 84 22.37 -21.16 -16.13
C GLN B 84 21.42 -21.58 -15.00
N GLU B 85 21.89 -21.51 -13.75
CA GLU B 85 21.05 -21.96 -12.64
C GLU B 85 19.87 -21.02 -12.42
N ILE B 86 20.07 -19.73 -12.66
CA ILE B 86 18.99 -18.77 -12.56
C ILE B 86 17.94 -19.03 -13.65
N ARG B 87 18.39 -19.27 -14.88
CA ARG B 87 17.43 -19.65 -15.93
C ARG B 87 16.65 -20.89 -15.52
N ALA B 88 17.31 -21.84 -14.87
CA ALA B 88 16.68 -23.11 -14.55
C ALA B 88 15.68 -23.02 -13.40
N LEU B 89 15.65 -21.91 -12.65
CA LEU B 89 14.64 -21.75 -11.61
C LEU B 89 13.24 -21.72 -12.22
N GLU B 90 12.26 -22.10 -11.42
CA GLU B 90 10.88 -22.09 -11.91
C GLU B 90 10.46 -20.69 -12.33
N CYS B 91 10.81 -19.68 -11.53
CA CYS B 91 10.25 -18.35 -11.75
C CYS B 91 10.67 -17.79 -13.11
N LYS B 92 9.76 -17.02 -13.71
CA LYS B 92 9.99 -16.26 -14.92
C LYS B 92 10.17 -14.78 -14.61
N SER B 93 9.88 -14.37 -13.40
CA SER B 93 10.09 -12.99 -13.02
C SER B 93 10.15 -12.92 -11.50
N VAL B 94 10.72 -11.84 -10.99
CA VAL B 94 10.72 -11.62 -9.54
C VAL B 94 10.15 -10.23 -9.29
N PRO B 95 9.30 -10.08 -8.29
CA PRO B 95 8.73 -8.76 -7.98
C PRO B 95 9.63 -7.95 -7.06
N VAL B 96 9.59 -6.64 -7.26
CA VAL B 96 10.24 -5.72 -6.33
C VAL B 96 9.21 -4.73 -5.84
N ALA B 97 9.07 -4.65 -4.53
CA ALA B 97 8.25 -3.63 -3.89
C ALA B 97 8.90 -3.37 -2.56
N LEU B 98 8.54 -2.23 -1.95
CA LEU B 98 9.24 -1.75 -0.78
C LEU B 98 8.29 -1.68 0.40
N SER B 99 8.83 -1.79 1.61
CA SER B 99 7.98 -1.59 2.78
C SER B 99 8.77 -0.91 3.90
N GLY B 100 8.05 -0.26 4.80
CA GLY B 100 8.74 0.35 5.92
C GLY B 100 9.18 1.76 5.58
N GLY B 101 10.05 2.28 6.44
CA GLY B 101 10.43 3.68 6.40
C GLY B 101 11.77 3.89 5.73
N TRP B 102 12.21 5.15 5.76
CA TRP B 102 13.53 5.46 5.20
C TRP B 102 14.62 4.76 6.00
N LEU B 103 15.64 4.28 5.28
CA LEU B 103 16.87 3.75 5.85
C LEU B 103 18.00 4.60 5.28
N VAL B 104 19.11 4.74 6.03
CA VAL B 104 20.30 5.38 5.45
C VAL B 104 21.42 4.37 5.58
N TYR B 105 21.95 3.93 4.43
CA TYR B 105 23.06 2.98 4.35
C TYR B 105 24.34 3.70 3.94
N GLU B 106 25.45 3.34 4.58
CA GLU B 106 26.76 3.88 4.18
C GLU B 106 27.46 2.92 3.24
N ASN B 107 28.27 3.48 2.34
CA ASN B 107 29.11 2.63 1.50
C ASN B 107 30.37 2.20 2.29
N PHE B 108 31.31 1.57 1.61
CA PHE B 108 32.34 0.79 2.31
C PHE B 108 33.29 1.65 3.11
N ASP B 109 33.51 2.90 2.67
CA ASP B 109 34.44 3.81 3.33
C ASP B 109 33.73 4.96 4.03
N ALA B 110 32.40 4.87 4.16
CA ALA B 110 31.54 5.87 4.82
C ALA B 110 31.58 7.24 4.15
N SER B 111 31.99 7.28 2.89
CA SER B 111 32.04 8.56 2.19
C SER B 111 30.67 8.98 1.68
N LEU B 112 29.79 8.01 1.42
CA LEU B 112 28.46 8.26 0.83
C LEU B 112 27.40 7.65 1.72
N GLN B 113 26.27 8.33 1.81
CA GLN B 113 25.14 7.91 2.64
C GLN B 113 23.91 7.86 1.73
N PHE B 114 23.34 6.66 1.61
CA PHE B 114 22.29 6.36 0.65
C PHE B 114 20.94 6.33 1.35
N LEU B 115 20.02 7.10 0.84
CA LEU B 115 18.65 7.11 1.34
C LEU B 115 17.88 6.00 0.65
N ALA B 116 17.36 5.05 1.44
CA ALA B 116 16.88 3.80 0.88
C ALA B 116 15.56 3.39 1.54
N VAL B 117 14.88 2.40 0.93
CA VAL B 117 13.75 1.73 1.56
C VAL B 117 13.98 0.23 1.41
N GLY B 118 13.68 -0.53 2.46
CA GLY B 118 13.88 -1.98 2.41
C GLY B 118 12.87 -2.67 1.51
N LEU B 119 13.26 -3.85 0.97
CA LEU B 119 12.32 -4.62 0.17
C LEU B 119 11.20 -5.19 1.05
N SER B 120 10.03 -5.35 0.45
CA SER B 120 8.88 -5.95 1.16
C SER B 120 9.13 -7.43 1.44
N GLU B 121 8.38 -7.96 2.40
CA GLU B 121 8.60 -9.36 2.77
C GLU B 121 8.44 -10.32 1.59
N PRO B 122 7.40 -10.23 0.76
CA PRO B 122 7.34 -11.15 -0.37
C PRO B 122 8.45 -10.93 -1.37
N ALA B 123 8.89 -9.68 -1.58
CA ALA B 123 9.99 -9.44 -2.52
C ALA B 123 11.27 -10.11 -2.02
N ARG B 124 11.55 -9.99 -0.71
CA ARG B 124 12.73 -10.69 -0.18
C ARG B 124 12.57 -12.21 -0.32
N GLY B 125 11.38 -12.73 0.00
CA GLY B 125 11.17 -14.16 -0.12
C GLY B 125 11.34 -14.69 -1.55
N ARG B 126 10.84 -13.95 -2.55
CA ARG B 126 11.00 -14.44 -3.93
C ARG B 126 12.45 -14.40 -4.40
N LEU B 127 13.30 -13.60 -3.75
CA LEU B 127 14.71 -13.55 -4.11
C LEU B 127 15.55 -14.58 -3.37
N LYS B 128 15.01 -15.22 -2.32
CA LYS B 128 15.82 -16.22 -1.62
C LYS B 128 16.43 -17.27 -2.54
N PRO B 129 15.73 -17.84 -3.54
CA PRO B 129 16.40 -18.84 -4.40
C PRO B 129 17.52 -18.24 -5.22
N VAL B 130 17.40 -16.97 -5.59
CA VAL B 130 18.47 -16.29 -6.31
C VAL B 130 19.68 -16.14 -5.40
N LEU B 131 19.46 -15.63 -4.19
CA LEU B 131 20.55 -15.47 -3.23
C LEU B 131 21.24 -16.80 -2.95
N SER B 132 20.47 -17.89 -2.89
CA SER B 132 21.11 -19.20 -2.67
C SER B 132 22.07 -19.56 -3.80
N ILE B 133 21.68 -19.28 -5.04
CA ILE B 133 22.57 -19.53 -6.16
C ILE B 133 23.83 -18.66 -6.06
N VAL B 134 23.65 -17.38 -5.72
CA VAL B 134 24.82 -16.52 -5.52
C VAL B 134 25.74 -17.08 -4.44
N GLU B 135 25.18 -17.47 -3.29
CA GLU B 135 26.00 -18.00 -2.21
C GLU B 135 26.77 -19.25 -2.66
N LYS B 136 26.20 -20.03 -3.58
CA LYS B 136 26.86 -21.25 -4.02
C LYS B 136 28.18 -20.94 -4.73
N TYR B 137 28.21 -19.88 -5.51
CA TYR B 137 29.33 -19.60 -6.39
C TYR B 137 30.24 -18.50 -5.88
N LYS B 138 29.91 -17.86 -4.77
CA LYS B 138 30.73 -16.69 -4.53
C LYS B 138 32.11 -17.08 -3.98
N PRO B 139 33.13 -16.26 -4.25
CA PRO B 139 34.49 -16.59 -3.80
C PRO B 139 34.56 -16.73 -2.29
N ARG B 140 35.45 -17.62 -1.84
CA ARG B 140 35.57 -17.93 -0.43
C ARG B 140 36.15 -16.76 0.36
N SER B 141 37.16 -16.09 -0.20
CA SER B 141 37.77 -14.93 0.45
C SER B 141 37.02 -13.67 0.03
N PRO B 142 36.21 -13.07 0.90
CA PRO B 142 35.50 -11.85 0.51
C PRO B 142 36.45 -10.66 0.50
N VAL B 143 36.19 -9.73 -0.42
CA VAL B 143 36.92 -8.45 -0.39
C VAL B 143 36.07 -7.34 0.20
N SER B 144 34.79 -7.61 0.45
CA SER B 144 33.85 -6.63 0.97
C SER B 144 33.50 -6.96 2.42
N ARG B 145 33.42 -5.94 3.27
CA ARG B 145 32.90 -6.12 4.62
C ARG B 145 31.43 -5.77 4.71
N GLN B 146 30.74 -5.59 3.58
CA GLN B 146 29.31 -5.29 3.60
C GLN B 146 28.54 -6.34 2.80
N PRO B 147 28.31 -7.51 3.37
CA PRO B 147 27.63 -8.55 2.62
C PRO B 147 26.19 -8.17 2.39
N VAL B 148 25.66 -8.70 1.31
CA VAL B 148 24.29 -8.51 0.91
C VAL B 148 23.53 -9.76 1.28
N GLY B 149 22.37 -9.59 1.92
CA GLY B 149 21.60 -10.77 2.25
C GLY B 149 20.16 -10.37 2.47
N LEU B 150 19.35 -11.37 2.80
CA LEU B 150 17.93 -11.12 3.00
C LEU B 150 17.68 -10.01 4.00
N ASN B 151 18.54 -9.90 5.02
CA ASN B 151 18.30 -8.93 6.09
C ASN B 151 18.49 -7.49 5.63
N ASN B 152 19.20 -7.22 4.52
CA ASN B 152 19.42 -5.81 4.15
C ASN B 152 19.05 -5.51 2.70
N LEU B 153 18.27 -6.37 2.03
CA LEU B 153 17.84 -6.03 0.67
C LEU B 153 17.11 -4.70 0.66
N HIS B 154 17.47 -3.82 -0.28
CA HIS B 154 16.87 -2.49 -0.31
C HIS B 154 16.99 -1.89 -1.69
N VAL B 155 16.26 -0.79 -1.92
CA VAL B 155 16.50 0.09 -3.07
C VAL B 155 16.95 1.44 -2.54
N SER B 156 18.07 1.95 -3.06
CA SER B 156 18.49 3.31 -2.75
C SER B 156 17.91 4.29 -3.75
N PHE B 157 17.43 5.43 -3.24
CA PHE B 157 16.79 6.44 -4.06
C PHE B 157 17.60 7.71 -4.21
N GLY B 158 18.44 8.01 -3.23
CA GLY B 158 19.19 9.25 -3.24
C GLY B 158 20.53 8.99 -2.56
N VAL B 159 21.50 9.87 -2.84
CA VAL B 159 22.81 9.67 -2.24
C VAL B 159 23.44 11.01 -1.86
N ALA B 160 23.95 11.10 -0.64
CA ALA B 160 24.60 12.31 -0.15
C ALA B 160 26.03 12.00 0.25
N GLN B 161 26.88 13.03 0.18
CA GLN B 161 28.21 12.87 0.75
C GLN B 161 28.12 12.91 2.27
N ASN B 162 28.94 12.11 2.94
CA ASN B 162 29.07 12.19 4.39
C ASN B 162 29.92 13.41 4.73
N ALA B 163 29.29 14.48 5.23
CA ALA B 163 30.03 15.70 5.57
C ALA B 163 31.02 15.47 6.69
N TYR B 164 30.88 14.39 7.43
CA TYR B 164 31.69 14.14 8.61
C TYR B 164 32.69 13.03 8.40
N LEU B 165 32.91 12.62 7.14
CA LEU B 165 33.79 11.51 6.83
C LEU B 165 35.11 11.61 7.56
N GLN B 166 35.67 12.80 7.64
CA GLN B 166 37.03 12.90 8.18
C GLN B 166 37.07 13.36 9.62
N GLN B 167 35.92 13.46 10.29
CA GLN B 167 35.86 13.71 11.73
C GLN B 167 36.06 12.40 12.49
N ASP B 168 36.08 12.50 13.81
CA ASP B 168 36.07 11.30 14.63
C ASP B 168 34.92 10.40 14.21
N GLU B 169 35.16 9.09 14.24
CA GLU B 169 34.11 8.14 13.89
C GLU B 169 32.86 8.39 14.72
N SER B 170 33.04 8.77 16.00
CA SER B 170 31.90 8.94 16.88
C SER B 170 31.05 10.14 16.49
N VAL B 171 31.68 11.20 16.00
CA VAL B 171 30.95 12.34 15.46
C VAL B 171 30.20 11.94 14.20
N SER B 172 30.90 11.24 13.28
CA SER B 172 30.22 10.79 12.05
C SER B 172 29.06 9.85 12.35
N ARG B 173 29.25 8.92 13.31
CA ARG B 173 28.17 7.99 13.63
C ARG B 173 27.01 8.74 14.28
N GLN B 174 27.31 9.68 15.17
CA GLN B 174 26.26 10.49 15.78
C GLN B 174 25.48 11.26 14.73
N ARG B 175 26.18 11.85 13.75
CA ARG B 175 25.50 12.63 12.73
C ARG B 175 24.71 11.71 11.81
N LEU B 176 25.20 10.50 11.58
CA LEU B 176 24.44 9.55 10.76
C LEU B 176 23.16 9.13 11.48
N ASP B 177 23.25 8.88 12.78
CA ASP B 177 22.03 8.46 13.47
C ASP B 177 21.02 9.60 13.56
N SER B 178 21.46 10.86 13.70
CA SER B 178 20.45 11.92 13.74
C SER B 178 19.90 12.20 12.35
N LEU B 179 20.69 11.93 11.30
CA LEU B 179 20.17 11.99 9.94
C LEU B 179 19.11 10.93 9.71
N ARG B 180 19.35 9.70 10.19
CA ARG B 180 18.35 8.65 10.04
C ARG B 180 17.06 9.04 10.75
N ASN B 181 17.19 9.57 11.96
CA ASN B 181 16.01 10.02 12.70
C ASN B 181 15.33 11.20 12.02
N LEU B 182 16.12 12.11 11.45
CA LEU B 182 15.55 13.29 10.80
C LEU B 182 14.70 12.92 9.59
N VAL B 183 15.22 12.06 8.69
CA VAL B 183 14.42 11.74 7.51
C VAL B 183 13.18 10.96 7.89
N ALA B 184 13.28 10.11 8.92
CA ALA B 184 12.15 9.29 9.33
C ALA B 184 11.06 10.14 9.98
N THR B 185 11.46 11.11 10.80
CA THR B 185 10.48 11.87 11.55
C THR B 185 9.92 13.04 10.75
N GLU B 186 10.72 13.64 9.89
CA GLU B 186 10.29 14.87 9.23
C GLU B 186 10.16 14.79 7.72
N ALA B 187 10.59 13.69 7.11
CA ALA B 187 10.56 13.63 5.65
C ALA B 187 9.92 12.35 5.12
N SER B 188 8.98 11.74 5.87
CA SER B 188 8.38 10.47 5.49
C SER B 188 6.99 10.58 4.86
N ASP B 189 6.44 11.78 4.66
CA ASP B 189 5.04 11.88 4.29
C ASP B 189 4.73 11.34 2.89
N ARG B 190 5.72 11.30 1.99
CA ARG B 190 5.44 10.77 0.66
C ARG B 190 5.83 9.31 0.51
N LEU B 191 6.18 8.65 1.60
CA LEU B 191 6.52 7.22 1.48
C LEU B 191 5.35 6.36 1.06
N PRO B 192 4.09 6.62 1.46
CA PRO B 192 3.00 5.81 0.87
C PRO B 192 2.92 5.98 -0.64
N LEU B 193 3.09 7.20 -1.16
CA LEU B 193 3.12 7.37 -2.61
C LEU B 193 4.27 6.59 -3.22
N LEU B 194 5.44 6.63 -2.59
CA LEU B 194 6.57 5.91 -3.14
C LEU B 194 6.29 4.42 -3.15
N ARG B 195 5.87 3.89 -2.02
CA ARG B 195 5.71 2.44 -1.94
C ARG B 195 4.64 1.92 -2.92
N ALA B 196 3.59 2.70 -3.17
CA ALA B 196 2.52 2.22 -4.05
C ALA B 196 2.97 2.16 -5.51
N ASN B 197 3.89 3.03 -5.90
CA ASN B 197 4.20 3.19 -7.31
C ASN B 197 5.54 2.64 -7.71
N LEU B 198 6.47 2.51 -6.78
CA LEU B 198 7.80 2.03 -7.11
C LEU B 198 7.75 0.52 -6.93
N GLN B 199 7.00 -0.11 -7.83
CA GLN B 199 6.86 -1.55 -7.85
C GLN B 199 7.23 -2.02 -9.23
N PHE B 200 7.84 -3.19 -9.28
CA PHE B 200 8.45 -3.67 -10.51
C PHE B 200 8.27 -5.16 -10.58
N ARG B 201 8.30 -5.66 -11.80
CA ARG B 201 8.45 -7.09 -12.05
C ARG B 201 9.66 -7.22 -12.96
N CYS B 202 10.68 -7.93 -12.49
CA CYS B 202 11.93 -8.08 -13.20
C CYS B 202 11.93 -9.44 -13.88
N HIS B 203 12.19 -9.46 -15.18
CA HIS B 203 12.28 -10.71 -15.94
C HIS B 203 13.71 -11.16 -16.21
N GLU B 204 14.68 -10.49 -15.59
CA GLU B 204 16.10 -10.80 -15.76
C GLU B 204 16.87 -10.23 -14.58
N LEU B 205 18.03 -10.81 -14.31
CA LEU B 205 19.04 -10.18 -13.47
C LEU B 205 20.05 -9.48 -14.34
N LYS B 206 20.90 -8.68 -13.69
CA LYS B 206 22.07 -8.12 -14.33
C LYS B 206 23.30 -8.55 -13.57
N ALA B 207 24.43 -8.60 -14.25
CA ALA B 207 25.67 -8.90 -13.55
C ALA B 207 26.72 -7.95 -14.06
N LYS B 208 27.39 -7.28 -13.14
CA LYS B 208 28.67 -6.68 -13.47
C LYS B 208 29.68 -7.82 -13.58
N VAL B 209 30.32 -7.94 -14.73
CA VAL B 209 31.32 -8.96 -14.95
C VAL B 209 32.59 -8.23 -15.39
N GLY B 210 33.52 -8.07 -14.48
CA GLY B 210 34.65 -7.22 -14.73
C GLY B 210 34.16 -5.81 -14.88
N THR B 211 34.43 -5.21 -16.03
CA THR B 211 34.03 -3.83 -16.27
C THR B 211 32.76 -3.70 -17.10
N SER B 212 32.16 -4.81 -17.54
CA SER B 212 30.96 -4.75 -18.36
C SER B 212 29.76 -5.29 -17.59
N VAL B 213 28.57 -5.01 -18.12
CA VAL B 213 27.32 -5.50 -17.55
C VAL B 213 26.65 -6.42 -18.56
N ILE B 214 26.30 -7.63 -18.12
CA ILE B 214 25.59 -8.61 -18.92
C ILE B 214 24.22 -8.84 -18.32
N THR B 215 23.34 -9.39 -19.13
CA THR B 215 21.98 -9.67 -18.72
C THR B 215 21.80 -11.16 -18.46
N LEU B 216 21.04 -11.48 -17.42
CA LEU B 216 20.80 -12.87 -16.99
C LEU B 216 19.30 -13.09 -16.99
N PRO B 217 18.74 -13.59 -18.09
CA PRO B 217 17.27 -13.70 -18.18
C PRO B 217 16.76 -14.77 -17.22
N LEU B 218 15.54 -14.56 -16.73
N LEU B 218 15.56 -14.53 -16.69
CA LEU B 218 14.87 -15.59 -15.94
CA LEU B 218 14.87 -15.53 -15.88
C LEU B 218 14.05 -16.51 -16.85
C LEU B 218 14.05 -16.44 -16.79
N PRO C 4 -34.08 7.85 -29.71
CA PRO C 4 -34.79 8.35 -28.52
C PRO C 4 -35.83 9.40 -28.86
N VAL C 5 -36.91 9.48 -28.08
CA VAL C 5 -37.90 10.54 -28.31
C VAL C 5 -37.28 11.92 -28.05
N SER C 6 -36.57 12.07 -26.94
CA SER C 6 -35.99 13.37 -26.55
C SER C 6 -34.59 13.54 -27.16
N LYS C 7 -34.45 14.48 -28.10
CA LYS C 7 -33.15 14.76 -28.71
C LYS C 7 -32.70 16.19 -28.42
N ASN C 8 -33.22 16.77 -27.33
CA ASN C 8 -32.94 18.16 -26.95
C ASN C 8 -32.26 18.22 -25.60
N ILE C 9 -31.55 17.15 -25.23
CA ILE C 9 -30.89 17.00 -23.94
C ILE C 9 -29.40 17.18 -24.13
N GLY C 10 -28.78 17.95 -23.24
CA GLY C 10 -27.33 18.10 -23.22
C GLY C 10 -26.83 17.95 -21.80
N PHE C 11 -25.58 17.54 -21.67
CA PHE C 11 -24.94 17.39 -20.37
C PHE C 11 -23.44 17.53 -20.57
N LEU C 12 -22.75 18.18 -19.63
CA LEU C 12 -21.34 18.53 -19.77
C LEU C 12 -20.54 17.78 -18.71
N PHE C 13 -19.34 17.33 -19.08
CA PHE C 13 -18.55 16.58 -18.11
C PHE C 13 -17.09 16.58 -18.54
N LEU C 14 -16.25 16.15 -17.60
CA LEU C 14 -14.86 15.85 -17.84
C LEU C 14 -14.71 14.34 -17.93
N GLU C 15 -13.85 13.86 -18.83
CA GLU C 15 -13.63 12.42 -18.94
C GLU C 15 -12.27 12.08 -18.36
N LEU C 16 -12.21 11.07 -17.49
CA LEU C 16 -11.00 10.73 -16.75
C LEU C 16 -10.60 9.30 -17.15
N ARG C 17 -9.57 9.19 -18.00
CA ARG C 17 -9.10 7.89 -18.46
C ARG C 17 -8.05 7.35 -17.50
N LEU C 18 -8.31 6.17 -16.92
CA LEU C 18 -7.39 5.63 -15.93
C LEU C 18 -6.21 4.92 -16.59
N ASP C 19 -5.02 5.13 -16.04
CA ASP C 19 -3.90 4.35 -16.50
C ASP C 19 -3.88 3.00 -15.77
N SER C 20 -2.94 2.13 -16.18
CA SER C 20 -2.94 0.77 -15.66
C SER C 20 -2.84 0.72 -14.14
N LYS C 21 -1.96 1.54 -13.56
CA LYS C 21 -1.81 1.57 -12.11
C LYS C 21 -3.09 2.09 -11.44
N GLN C 22 -3.73 3.10 -12.03
CA GLN C 22 -4.95 3.62 -11.42
C GLN C 22 -6.05 2.56 -11.40
N GLN C 23 -6.14 1.77 -12.48
CA GLN C 23 -7.12 0.68 -12.56
C GLN C 23 -6.86 -0.39 -11.51
N GLN C 24 -5.60 -0.77 -11.31
CA GLN C 24 -5.30 -1.79 -10.31
C GLN C 24 -5.58 -1.25 -8.91
N ILE C 25 -5.27 0.02 -8.69
CA ILE C 25 -5.61 0.65 -7.40
C ILE C 25 -7.11 0.63 -7.18
N MET C 26 -7.89 1.01 -8.21
CA MET C 26 -9.33 1.04 -7.98
C MET C 26 -9.90 -0.36 -7.79
N ASP C 27 -9.30 -1.34 -8.47
CA ASP C 27 -9.69 -2.73 -8.24
C ASP C 27 -9.53 -3.07 -6.75
N LEU C 28 -8.38 -2.73 -6.18
CA LEU C 28 -8.09 -3.08 -4.80
C LEU C 28 -8.97 -2.28 -3.85
N VAL C 29 -9.08 -0.98 -4.07
CA VAL C 29 -9.88 -0.14 -3.19
C VAL C 29 -11.31 -0.67 -3.11
N LEU C 30 -11.91 -0.93 -4.27
CA LEU C 30 -13.31 -1.34 -4.29
C LEU C 30 -13.48 -2.77 -3.76
N LYS C 31 -12.47 -3.64 -3.95
CA LYS C 31 -12.63 -4.96 -3.35
C LYS C 31 -12.74 -4.83 -1.84
N GLY C 32 -11.96 -3.92 -1.25
CA GLY C 32 -12.00 -3.76 0.20
C GLY C 32 -13.32 -3.17 0.65
N VAL C 33 -13.79 -2.15 -0.07
CA VAL C 33 -15.11 -1.58 0.22
C VAL C 33 -16.18 -2.64 0.13
N ASN C 34 -16.16 -3.44 -0.93
CA ASN C 34 -17.20 -4.45 -1.12
C ASN C 34 -17.06 -5.62 -0.15
N ALA C 35 -15.85 -5.91 0.33
CA ALA C 35 -15.72 -6.87 1.42
C ALA C 35 -16.42 -6.37 2.66
N VAL C 36 -16.33 -5.06 2.92
CA VAL C 36 -17.06 -4.46 4.03
C VAL C 36 -18.56 -4.60 3.80
N MET C 37 -19.00 -4.33 2.55
CA MET C 37 -20.42 -4.47 2.21
C MET C 37 -20.89 -5.90 2.47
N ASP C 38 -20.07 -6.89 2.10
CA ASP C 38 -20.40 -8.29 2.35
C ASP C 38 -20.54 -8.59 3.85
N THR C 39 -19.61 -8.12 4.66
CA THR C 39 -19.71 -8.37 6.10
C THR C 39 -21.04 -7.86 6.66
N HIS C 40 -21.52 -6.72 6.17
CA HIS C 40 -22.72 -6.09 6.69
C HIS C 40 -23.96 -6.36 5.86
N HIS C 41 -23.86 -7.29 4.89
CA HIS C 41 -24.99 -7.69 4.08
C HIS C 41 -25.61 -6.52 3.33
N ARG C 42 -24.74 -5.69 2.76
CA ARG C 42 -25.16 -4.60 1.89
C ARG C 42 -24.88 -4.95 0.44
N ASN C 43 -25.60 -4.26 -0.44
CA ASN C 43 -25.34 -4.35 -1.87
C ASN C 43 -23.92 -3.87 -2.15
N SER C 44 -23.27 -4.53 -3.10
CA SER C 44 -21.92 -4.13 -3.45
C SER C 44 -21.95 -2.98 -4.45
N PHE C 45 -20.87 -2.20 -4.46
CA PHE C 45 -20.71 -1.11 -5.41
C PHE C 45 -20.05 -1.67 -6.67
N GLU C 46 -20.76 -1.58 -7.78
CA GLU C 46 -20.17 -2.01 -9.05
C GLU C 46 -19.10 -1.03 -9.47
N PRO C 47 -17.88 -1.50 -9.78
CA PRO C 47 -16.83 -0.58 -10.26
C PRO C 47 -17.27 0.13 -11.53
N LEU C 48 -17.10 1.46 -11.55
CA LEU C 48 -17.45 2.25 -12.72
C LEU C 48 -16.29 2.36 -13.72
N HIS C 49 -15.09 1.94 -13.34
CA HIS C 49 -13.93 2.00 -14.23
C HIS C 49 -13.77 0.75 -15.07
N ARG C 50 -14.70 -0.20 -14.98
CA ARG C 50 -14.67 -1.43 -15.76
C ARG C 50 -16.05 -1.69 -16.31
N GLY C 51 -16.11 -2.12 -17.57
CA GLY C 51 -17.37 -2.47 -18.19
C GLY C 51 -17.49 -3.95 -18.48
N ALA C 55 -14.28 -4.16 -20.71
CA ALA C 55 -12.94 -3.86 -20.21
C ALA C 55 -12.92 -2.54 -19.42
N MET C 56 -12.00 -1.65 -19.77
CA MET C 56 -11.82 -0.40 -19.05
C MET C 56 -12.85 0.65 -19.49
N LYS C 57 -13.33 1.43 -18.51
CA LYS C 57 -14.30 2.49 -18.67
C LYS C 57 -13.76 3.77 -18.06
N PRO C 58 -13.88 4.93 -18.73
CA PRO C 58 -13.42 6.18 -18.10
C PRO C 58 -14.37 6.58 -16.97
N LEU C 59 -13.83 7.30 -15.99
CA LEU C 59 -14.64 7.94 -14.95
C LEU C 59 -14.98 9.36 -15.45
N HIS C 60 -15.82 10.11 -14.70
CA HIS C 60 -16.11 11.47 -15.16
C HIS C 60 -16.34 12.42 -13.98
N VAL C 61 -16.26 13.71 -14.28
CA VAL C 61 -16.74 14.78 -13.38
C VAL C 61 -17.92 15.42 -14.08
N SER C 62 -19.12 15.31 -13.51
CA SER C 62 -20.26 16.03 -14.06
C SER C 62 -20.07 17.51 -13.87
N LEU C 63 -20.32 18.28 -14.94
CA LEU C 63 -20.17 19.71 -14.84
C LEU C 63 -21.49 20.42 -15.00
N SER C 64 -22.55 19.68 -15.33
CA SER C 64 -23.87 20.25 -15.39
C SER C 64 -24.86 19.18 -14.97
N GLU C 65 -26.03 19.64 -14.56
CA GLU C 65 -27.19 18.76 -14.51
C GLU C 65 -27.60 18.36 -15.92
N THR C 66 -28.58 17.46 -16.00
CA THR C 66 -29.23 17.14 -17.26
C THR C 66 -29.98 18.38 -17.71
N MET C 67 -29.57 18.93 -18.85
N MET C 67 -29.55 18.94 -18.84
CA MET C 67 -30.13 20.18 -19.37
CA MET C 67 -30.13 20.17 -19.36
C MET C 67 -31.07 19.86 -20.53
C MET C 67 -31.08 19.83 -20.51
N MET C 68 -32.36 20.14 -20.35
CA MET C 68 -33.35 19.91 -21.39
C MET C 68 -33.71 21.24 -22.07
N PHE C 69 -33.26 21.40 -23.31
CA PHE C 69 -33.51 22.63 -24.04
C PHE C 69 -34.87 22.54 -24.72
N ALA C 70 -35.36 23.68 -25.21
CA ALA C 70 -36.72 23.69 -25.74
C ALA C 70 -36.80 22.89 -27.05
N ASN C 71 -35.71 22.78 -27.78
CA ASN C 71 -35.74 22.11 -29.08
C ASN C 71 -34.31 21.75 -29.49
N GLU C 72 -34.20 21.01 -30.60
CA GLU C 72 -32.88 20.58 -31.08
C GLU C 72 -32.01 21.77 -31.47
N SER C 73 -32.62 22.82 -32.04
CA SER C 73 -31.84 23.97 -32.49
C SER C 73 -31.23 24.72 -31.31
N GLU C 74 -32.01 24.92 -30.24
CA GLU C 74 -31.50 25.63 -29.08
C GLU C 74 -30.42 24.81 -28.38
N LEU C 75 -30.63 23.48 -28.26
CA LEU C 75 -29.57 22.60 -27.81
C LEU C 75 -28.30 22.80 -28.63
N GLU C 76 -28.43 22.83 -29.96
CA GLU C 76 -27.27 22.99 -30.82
C GLU C 76 -26.68 24.40 -30.69
N GLU C 77 -27.55 25.41 -30.64
CA GLU C 77 -27.10 26.80 -30.45
C GLU C 77 -26.35 26.98 -29.13
N LYS C 78 -26.99 26.62 -28.01
CA LYS C 78 -26.45 26.95 -26.68
C LYS C 78 -25.18 26.17 -26.38
N MET C 79 -25.14 24.89 -26.77
CA MET C 79 -23.92 24.12 -26.58
C MET C 79 -22.78 24.68 -27.41
N GLY C 80 -23.09 25.16 -28.63
CA GLY C 80 -22.06 25.82 -29.43
C GLY C 80 -21.49 27.04 -28.74
N ARG C 81 -22.34 27.85 -28.12
CA ARG C 81 -21.87 29.01 -27.38
C ARG C 81 -20.98 28.59 -26.21
N ILE C 82 -21.43 27.60 -25.44
CA ILE C 82 -20.63 27.09 -24.33
C ILE C 82 -19.26 26.68 -24.82
N ARG C 83 -19.21 25.93 -25.92
CA ARG C 83 -17.95 25.49 -26.51
C ARG C 83 -17.07 26.69 -26.84
N GLN C 84 -17.66 27.73 -27.43
CA GLN C 84 -16.88 28.90 -27.79
C GLN C 84 -16.36 29.61 -26.56
N GLU C 85 -17.22 29.80 -25.53
CA GLU C 85 -16.76 30.52 -24.35
C GLU C 85 -15.72 29.69 -23.59
N ILE C 86 -15.87 28.38 -23.58
CA ILE C 86 -14.87 27.51 -22.95
C ILE C 86 -13.54 27.65 -23.67
N ARG C 87 -13.56 27.64 -25.01
CA ARG C 87 -12.35 27.94 -25.76
C ARG C 87 -11.79 29.33 -25.39
N ALA C 88 -12.69 30.30 -25.17
CA ALA C 88 -12.26 31.67 -24.89
C ALA C 88 -11.65 31.84 -23.50
N LEU C 89 -11.82 30.88 -22.61
CA LEU C 89 -11.17 30.98 -21.32
C LEU C 89 -9.66 30.92 -21.49
N GLU C 90 -8.96 31.54 -20.52
CA GLU C 90 -7.50 31.56 -20.56
C GLU C 90 -6.92 30.15 -20.44
N CYS C 91 -7.51 29.32 -19.57
CA CYS C 91 -6.90 28.04 -19.24
C CYS C 91 -6.81 27.15 -20.47
N LYS C 92 -5.77 26.32 -20.51
CA LYS C 92 -5.62 25.33 -21.57
C LYS C 92 -5.86 23.93 -21.05
N SER C 93 -5.97 23.78 -19.74
CA SER C 93 -6.28 22.51 -19.14
C SER C 93 -6.82 22.80 -17.75
N VAL C 94 -7.49 21.81 -17.17
CA VAL C 94 -7.90 21.92 -15.77
C VAL C 94 -7.39 20.68 -15.05
N PRO C 95 -6.88 20.82 -13.84
CA PRO C 95 -6.42 19.67 -13.06
C PRO C 95 -7.57 19.06 -12.28
N VAL C 96 -7.52 17.73 -12.11
CA VAL C 96 -8.48 17.03 -11.28
C VAL C 96 -7.75 16.19 -10.24
N ALA C 97 -8.08 16.44 -8.98
CA ALA C 97 -7.61 15.66 -7.85
C ALA C 97 -8.72 15.71 -6.82
N LEU C 98 -8.65 14.79 -5.87
CA LEU C 98 -9.73 14.49 -4.94
C LEU C 98 -9.28 14.73 -3.50
N SER C 99 -10.22 15.03 -2.62
CA SER C 99 -9.88 15.30 -1.23
C SER C 99 -10.99 14.77 -0.35
N GLY C 100 -10.64 14.37 0.88
CA GLY C 100 -11.68 13.98 1.80
C GLY C 100 -12.08 12.51 1.73
N GLY C 101 -13.21 12.20 2.36
CA GLY C 101 -13.60 10.83 2.59
C GLY C 101 -14.63 10.37 1.57
N TRP C 102 -15.10 9.14 1.75
CA TRP C 102 -16.14 8.65 0.85
C TRP C 102 -17.38 9.47 0.99
N LEU C 103 -18.04 9.67 -0.15
CA LEU C 103 -19.37 10.24 -0.23
C LEU C 103 -20.28 9.24 -0.91
N VAL C 104 -21.56 9.28 -0.59
CA VAL C 104 -22.53 8.47 -1.31
C VAL C 104 -23.59 9.43 -1.84
N TYR C 105 -23.69 9.54 -3.17
CA TYR C 105 -24.66 10.41 -3.84
C TYR C 105 -25.73 9.55 -4.47
N GLU C 106 -27.00 9.99 -4.37
CA GLU C 106 -28.12 9.34 -5.06
C GLU C 106 -28.39 10.00 -6.40
N ASN C 107 -28.86 9.20 -7.37
CA ASN C 107 -29.33 9.79 -8.63
C ASN C 107 -30.76 10.30 -8.42
N PHE C 108 -31.38 10.71 -9.51
CA PHE C 108 -32.58 11.56 -9.39
C PHE C 108 -33.76 10.81 -8.77
N ASP C 109 -33.85 9.50 -8.93
CA ASP C 109 -35.00 8.74 -8.41
C ASP C 109 -34.60 7.88 -7.23
N ALA C 110 -33.39 8.09 -6.71
CA ALA C 110 -32.83 7.37 -5.57
C ALA C 110 -32.69 5.87 -5.82
N SER C 111 -32.68 5.42 -7.07
CA SER C 111 -32.51 4.00 -7.37
C SER C 111 -31.05 3.54 -7.32
N LEU C 112 -30.11 4.47 -7.49
CA LEU C 112 -28.70 4.18 -7.52
C LEU C 112 -27.97 5.05 -6.48
N GLN C 113 -26.97 4.45 -5.86
CA GLN C 113 -26.15 5.12 -4.85
C GLN C 113 -24.71 5.03 -5.28
N PHE C 114 -24.12 6.18 -5.56
CA PHE C 114 -22.81 6.27 -6.14
C PHE C 114 -21.78 6.53 -5.03
N LEU C 115 -20.75 5.69 -4.97
CA LEU C 115 -19.64 5.92 -4.06
C LEU C 115 -18.64 6.87 -4.73
N ALA C 116 -18.37 8.00 -4.08
CA ALA C 116 -17.68 9.10 -4.75
C ALA C 116 -16.64 9.71 -3.80
N VAL C 117 -15.74 10.52 -4.37
CA VAL C 117 -14.88 11.40 -3.57
C VAL C 117 -14.97 12.80 -4.17
N GLY C 118 -15.05 13.81 -3.32
CA GLY C 118 -15.13 15.18 -3.80
C GLY C 118 -13.81 15.68 -4.37
N LEU C 119 -13.92 16.67 -5.27
CA LEU C 119 -12.73 17.29 -5.85
C LEU C 119 -12.00 18.12 -4.80
N SER C 120 -10.69 18.17 -4.94
CA SER C 120 -9.86 18.99 -4.04
C SER C 120 -10.14 20.48 -4.25
N GLU C 121 -9.74 21.29 -3.26
CA GLU C 121 -10.07 22.71 -3.29
C GLU C 121 -9.55 23.39 -4.55
N PRO C 122 -8.29 23.22 -4.95
CA PRO C 122 -7.86 23.91 -6.17
C PRO C 122 -8.51 23.39 -7.42
N ALA C 123 -8.83 22.10 -7.49
CA ALA C 123 -9.53 21.59 -8.65
C ALA C 123 -10.91 22.26 -8.78
N ARG C 124 -11.64 22.42 -7.67
CA ARG C 124 -12.92 23.13 -7.76
C ARG C 124 -12.70 24.57 -8.16
N GLY C 125 -11.70 25.22 -7.57
CA GLY C 125 -11.47 26.62 -7.89
C GLY C 125 -11.19 26.84 -9.36
N ARG C 126 -10.45 25.94 -9.99
CA ARG C 126 -10.17 26.11 -11.42
C ARG C 126 -11.39 25.81 -12.30
N LEU C 127 -12.35 25.07 -11.79
CA LEU C 127 -13.54 24.77 -12.56
C LEU C 127 -14.61 25.83 -12.41
N LYS C 128 -14.48 26.70 -11.42
CA LYS C 128 -15.47 27.75 -11.22
C LYS C 128 -15.77 28.56 -12.50
N PRO C 129 -14.80 28.96 -13.33
CA PRO C 129 -15.17 29.68 -14.56
C PRO C 129 -15.92 28.82 -15.56
N VAL C 130 -15.64 27.52 -15.59
CA VAL C 130 -16.40 26.61 -16.45
C VAL C 130 -17.83 26.53 -15.97
N LEU C 131 -18.01 26.33 -14.64
CA LEU C 131 -19.35 26.31 -14.08
C LEU C 131 -20.09 27.60 -14.35
N SER C 132 -19.38 28.72 -14.34
CA SER C 132 -20.02 30.02 -14.60
C SER C 132 -20.58 30.07 -16.02
N ILE C 133 -19.83 29.56 -16.99
CA ILE C 133 -20.31 29.50 -18.37
C ILE C 133 -21.51 28.58 -18.47
N VAL C 134 -21.45 27.41 -17.81
CA VAL C 134 -22.61 26.53 -17.81
C VAL C 134 -23.82 27.21 -17.20
N GLU C 135 -23.65 27.86 -16.05
CA GLU C 135 -24.79 28.52 -15.42
C GLU C 135 -25.38 29.60 -16.31
N LYS C 136 -24.54 30.29 -17.09
CA LYS C 136 -25.06 31.35 -17.95
C LYS C 136 -26.00 30.80 -19.03
N TYR C 137 -25.68 29.63 -19.59
CA TYR C 137 -26.40 29.13 -20.75
C TYR C 137 -27.41 28.03 -20.44
N LYS C 138 -27.46 27.51 -19.20
CA LYS C 138 -28.31 26.35 -18.97
C LYS C 138 -29.77 26.77 -19.02
N PRO C 139 -30.66 25.88 -19.45
CA PRO C 139 -32.09 26.26 -19.59
C PRO C 139 -32.65 26.79 -18.28
N ARG C 140 -33.56 27.76 -18.41
CA ARG C 140 -34.12 28.41 -17.22
C ARG C 140 -35.01 27.46 -16.42
N SER C 141 -35.81 26.64 -17.12
CA SER C 141 -36.67 25.66 -16.47
C SER C 141 -35.96 24.31 -16.43
N PRO C 142 -35.35 23.92 -15.31
CA PRO C 142 -34.59 22.66 -15.29
C PRO C 142 -35.51 21.45 -15.17
N VAL C 143 -35.07 20.35 -15.80
CA VAL C 143 -35.69 19.04 -15.58
C VAL C 143 -35.09 18.33 -14.40
N SER C 144 -34.10 18.93 -13.73
CA SER C 144 -33.30 18.27 -12.71
C SER C 144 -33.43 19.00 -11.38
N ARG C 145 -33.68 18.24 -10.31
CA ARG C 145 -33.68 18.76 -8.95
C ARG C 145 -32.37 18.50 -8.24
N GLN C 146 -31.32 18.10 -8.98
CA GLN C 146 -30.00 17.81 -8.42
C GLN C 146 -29.00 18.72 -9.11
N PRO C 147 -28.87 19.95 -8.65
CA PRO C 147 -27.97 20.89 -9.31
C PRO C 147 -26.53 20.47 -9.07
N VAL C 148 -25.68 20.83 -10.02
CA VAL C 148 -24.24 20.61 -9.93
C VAL C 148 -23.61 21.96 -9.61
N GLY C 149 -22.74 22.00 -8.62
CA GLY C 149 -22.11 23.27 -8.24
C GLY C 149 -20.81 23.01 -7.50
N LEU C 150 -20.12 24.10 -7.14
CA LEU C 150 -18.84 23.98 -6.45
C LEU C 150 -18.92 23.09 -5.21
N ASN C 151 -20.07 23.11 -4.53
CA ASN C 151 -20.21 22.38 -3.28
C ASN C 151 -20.31 20.87 -3.47
N ASN C 152 -20.59 20.38 -4.68
CA ASN C 152 -20.75 18.94 -4.80
C ASN C 152 -19.97 18.33 -5.98
N LEU C 153 -18.99 19.05 -6.53
CA LEU C 153 -18.12 18.46 -7.56
C LEU C 153 -17.46 17.21 -7.01
N HIS C 154 -17.49 16.15 -7.80
CA HIS C 154 -17.00 14.85 -7.31
C HIS C 154 -16.68 13.97 -8.50
N VAL C 155 -15.97 12.88 -8.22
CA VAL C 155 -15.84 11.72 -9.11
C VAL C 155 -16.48 10.51 -8.44
N SER C 156 -17.40 9.85 -9.14
CA SER C 156 -17.98 8.60 -8.65
C SER C 156 -17.14 7.41 -9.10
N PHE C 157 -16.90 6.48 -8.18
CA PHE C 157 -16.06 5.31 -8.45
C PHE C 157 -16.83 3.99 -8.48
N GLY C 158 -17.96 3.90 -7.78
CA GLY C 158 -18.74 2.67 -7.77
C GLY C 158 -20.22 3.01 -7.67
N VAL C 159 -21.07 2.05 -8.04
CA VAL C 159 -22.50 2.34 -8.03
C VAL C 159 -23.24 1.12 -7.54
N ALA C 160 -24.09 1.31 -6.56
CA ALA C 160 -24.85 0.21 -6.00
C ALA C 160 -26.32 0.50 -6.21
N GLN C 161 -27.11 -0.55 -6.31
CA GLN C 161 -28.55 -0.37 -6.32
C GLN C 161 -29.04 -0.05 -4.91
N ASN C 162 -30.02 0.85 -4.81
CA ASN C 162 -30.64 1.16 -3.52
C ASN C 162 -31.60 0.03 -3.20
N ALA C 163 -31.22 -0.87 -2.29
CA ALA C 163 -32.11 -1.98 -1.94
C ALA C 163 -33.38 -1.53 -1.27
N TYR C 164 -33.44 -0.27 -0.82
CA TYR C 164 -34.56 0.23 -0.02
C TYR C 164 -35.42 1.22 -0.80
N LEU C 165 -35.22 1.27 -2.12
CA LEU C 165 -35.87 2.24 -3.00
C LEU C 165 -37.38 2.30 -2.78
N GLN C 166 -38.03 1.16 -2.67
CA GLN C 166 -39.50 1.13 -2.58
C GLN C 166 -39.99 0.97 -1.16
N GLN C 167 -39.11 1.07 -0.16
CA GLN C 167 -39.55 1.14 1.23
C GLN C 167 -39.96 2.57 1.56
N ASP C 168 -40.49 2.76 2.78
CA ASP C 168 -40.77 4.12 3.22
C ASP C 168 -39.53 5.00 3.08
N GLU C 169 -39.76 6.25 2.68
CA GLU C 169 -38.66 7.18 2.49
C GLU C 169 -37.74 7.25 3.71
N SER C 170 -38.30 7.13 4.92
CA SER C 170 -37.48 7.24 6.13
C SER C 170 -36.56 6.03 6.31
N VAL C 171 -37.03 4.83 5.94
CA VAL C 171 -36.18 3.65 5.99
C VAL C 171 -35.04 3.75 4.98
N SER C 172 -35.35 4.14 3.75
CA SER C 172 -34.30 4.28 2.75
C SER C 172 -33.25 5.31 3.18
N ARG C 173 -33.71 6.42 3.76
CA ARG C 173 -32.79 7.46 4.21
C ARG C 173 -31.93 6.98 5.39
N GLN C 174 -32.54 6.27 6.34
CA GLN C 174 -31.75 5.69 7.43
C GLN C 174 -30.71 4.73 6.88
N ARG C 175 -31.09 3.92 5.87
CA ARG C 175 -30.12 2.97 5.34
C ARG C 175 -29.03 3.66 4.54
N LEU C 176 -29.36 4.74 3.83
CA LEU C 176 -28.33 5.50 3.15
C LEU C 176 -27.40 6.16 4.16
N ASP C 177 -27.95 6.72 5.22
CA ASP C 177 -27.08 7.40 6.18
C ASP C 177 -26.23 6.41 6.96
N SER C 178 -26.77 5.22 7.26
CA SER C 178 -25.91 4.25 7.90
C SER C 178 -24.90 3.68 6.91
N LEU C 179 -25.24 3.65 5.62
CA LEU C 179 -24.26 3.24 4.61
C LEU C 179 -23.14 4.25 4.50
N ARG C 180 -23.47 5.55 4.50
CA ARG C 180 -22.45 6.58 4.46
C ARG C 180 -21.54 6.47 5.68
N ASN C 181 -22.14 6.26 6.85
CA ASN C 181 -21.35 6.11 8.08
C ASN C 181 -20.53 4.83 8.04
N LEU C 182 -21.10 3.76 7.47
CA LEU C 182 -20.40 2.49 7.35
C LEU C 182 -19.16 2.60 6.47
N VAL C 183 -19.27 3.19 5.28
CA VAL C 183 -18.06 3.26 4.42
C VAL C 183 -17.01 4.19 5.04
N ALA C 184 -17.43 5.23 5.76
CA ALA C 184 -16.48 6.11 6.43
C ALA C 184 -15.81 5.39 7.61
N THR C 185 -16.58 4.55 8.33
CA THR C 185 -16.08 3.96 9.56
C THR C 185 -15.26 2.69 9.31
N GLU C 186 -15.64 1.91 8.30
CA GLU C 186 -14.96 0.63 8.10
C GLU C 186 -14.28 0.46 6.74
N ALA C 187 -14.49 1.35 5.79
CA ALA C 187 -13.95 1.07 4.46
C ALA C 187 -13.14 2.23 3.91
N SER C 188 -12.56 3.06 4.78
CA SER C 188 -11.79 4.22 4.34
C SER C 188 -10.29 3.99 4.39
N ASP C 189 -9.85 2.79 4.75
CA ASP C 189 -8.41 2.61 5.03
C ASP C 189 -7.55 2.82 3.79
N ARG C 190 -8.10 2.59 2.58
CA ARG C 190 -7.31 2.82 1.36
C ARG C 190 -7.64 4.15 0.66
N LEU C 191 -8.35 5.07 1.31
CA LEU C 191 -8.56 6.37 0.69
C LEU C 191 -7.25 7.14 0.49
N PRO C 192 -6.23 7.02 1.35
CA PRO C 192 -4.96 7.69 1.02
C PRO C 192 -4.38 7.21 -0.29
N LEU C 193 -4.43 5.89 -0.53
CA LEU C 193 -3.94 5.35 -1.78
C LEU C 193 -4.71 5.93 -2.95
N LEU C 194 -6.04 6.06 -2.79
CA LEU C 194 -6.85 6.60 -3.87
C LEU C 194 -6.52 8.07 -4.13
N ARG C 195 -6.54 8.90 -3.08
CA ARG C 195 -6.38 10.35 -3.29
C ARG C 195 -5.01 10.68 -3.85
N ALA C 196 -3.98 9.95 -3.42
CA ALA C 196 -2.64 10.28 -3.91
C ALA C 196 -2.48 9.92 -5.38
N ASN C 197 -3.26 8.98 -5.87
CA ASN C 197 -2.94 8.37 -7.16
C ASN C 197 -3.95 8.66 -8.25
N LEU C 198 -5.21 8.93 -7.87
CA LEU C 198 -6.27 9.20 -8.86
C LEU C 198 -6.32 10.71 -9.13
N GLN C 199 -5.31 11.20 -9.87
CA GLN C 199 -5.23 12.60 -10.25
C GLN C 199 -5.07 12.69 -11.75
N PHE C 200 -5.58 13.78 -12.35
CA PHE C 200 -5.72 13.90 -13.81
C PHE C 200 -5.49 15.34 -14.27
N ARG C 201 -5.16 15.47 -15.55
CA ARG C 201 -5.17 16.78 -16.20
C ARG C 201 -6.00 16.66 -17.46
N CYS C 202 -7.05 17.47 -17.55
CA CYS C 202 -7.97 17.41 -18.68
C CYS C 202 -7.70 18.60 -19.58
N HIS C 203 -7.55 18.34 -20.89
CA HIS C 203 -7.34 19.39 -21.88
C HIS C 203 -8.60 19.67 -22.69
N GLU C 204 -9.73 19.07 -22.31
CA GLU C 204 -10.97 19.27 -23.03
C GLU C 204 -12.12 18.89 -22.11
N LEU C 205 -13.28 19.44 -22.40
CA LEU C 205 -14.54 18.95 -21.87
C LEU C 205 -15.19 18.00 -22.90
N LYS C 206 -16.15 17.22 -22.44
CA LYS C 206 -17.00 16.44 -23.31
C LYS C 206 -18.42 16.90 -23.05
N ALA C 207 -19.29 16.75 -24.05
CA ALA C 207 -20.70 17.03 -23.88
C ALA C 207 -21.51 15.97 -24.59
N LYS C 208 -22.50 15.41 -23.91
CA LYS C 208 -23.54 14.65 -24.58
C LYS C 208 -24.51 15.64 -25.21
N VAL C 209 -24.70 15.55 -26.52
CA VAL C 209 -25.59 16.43 -27.25
C VAL C 209 -26.55 15.55 -28.04
N GLY C 210 -27.79 15.44 -27.57
CA GLY C 210 -28.69 14.50 -28.21
C GLY C 210 -28.16 13.10 -28.04
N THR C 211 -27.88 12.44 -29.17
CA THR C 211 -27.37 11.08 -29.17
C THR C 211 -25.86 11.00 -29.38
N SER C 212 -25.19 12.12 -29.55
CA SER C 212 -23.76 12.14 -29.83
C SER C 212 -22.98 12.69 -28.64
N VAL C 213 -21.67 12.42 -28.67
CA VAL C 213 -20.73 12.99 -27.72
C VAL C 213 -19.82 13.88 -28.53
N ILE C 214 -19.67 15.13 -28.12
CA ILE C 214 -18.77 16.06 -28.80
C ILE C 214 -17.66 16.42 -27.82
N THR C 215 -16.52 16.80 -28.38
CA THR C 215 -15.33 17.16 -27.61
C THR C 215 -15.19 18.67 -27.63
N LEU C 216 -14.82 19.24 -26.49
CA LEU C 216 -14.83 20.69 -26.33
C LEU C 216 -13.46 21.14 -25.84
N PRO C 217 -12.59 21.60 -26.73
CA PRO C 217 -11.21 21.88 -26.31
C PRO C 217 -11.06 23.09 -25.39
N LEU C 218 -10.08 22.96 -24.48
CA LEU C 218 -9.66 24.07 -23.65
C LEU C 218 -8.52 24.85 -24.34
C1 GOL D . 2.79 -9.53 15.24
O1 GOL D . 1.41 -9.82 15.23
C2 GOL D . 3.50 -10.55 14.40
O2 GOL D . 2.72 -10.95 13.30
C3 GOL D . 4.83 -9.83 13.98
O3 GOL D . 4.78 -9.55 12.61
C1 GOL E . 4.62 -14.65 13.48
O1 GOL E . 3.35 -14.65 14.02
C2 GOL E . 5.54 -15.23 14.49
O2 GOL E . 6.76 -15.62 13.90
C3 GOL E . 5.68 -14.11 15.54
O3 GOL E . 6.18 -12.93 14.93
C1 GOL F . -0.42 -0.64 34.62
O1 GOL F . 0.77 -1.30 34.95
C2 GOL F . -0.10 0.53 33.67
O2 GOL F . -1.23 0.86 32.95
C3 GOL F . 0.34 1.70 34.61
O3 GOL F . 0.07 2.90 33.90
C1 GOL G . -15.88 -10.90 16.78
O1 GOL G . -16.99 -11.41 17.44
C2 GOL G . -15.84 -11.54 15.38
O2 GOL G . -15.08 -10.81 14.50
C3 GOL G . -15.25 -12.93 15.61
O3 GOL G . -15.17 -13.51 14.34
C1 GOL H . 23.46 1.47 -0.40
O1 GOL H . 22.73 1.21 -1.57
C2 GOL H . 24.58 0.49 -0.47
O2 GOL H . 24.97 0.36 -1.80
C3 GOL H . 25.74 1.13 0.36
O3 GOL H . 26.80 0.89 -0.47
C1 GOL I . 24.52 -1.55 2.31
O1 GOL I . 25.60 -1.00 3.01
C2 GOL I . 24.34 -2.97 2.78
O2 GOL I . 25.06 -3.23 3.93
C3 GOL I . 24.81 -3.81 1.60
O3 GOL I . 24.05 -3.45 0.44
C1 GOL J . 5.61 7.48 8.53
O1 GOL J . 5.62 7.83 7.17
C2 GOL J . 6.69 8.28 9.32
O2 GOL J . 6.17 9.42 9.92
C3 GOL J . 7.27 7.31 10.37
O3 GOL J . 8.34 7.93 11.04
C1 GOL K . 15.42 3.44 12.64
O1 GOL K . 14.84 3.60 11.38
C2 GOL K . 15.95 4.78 13.17
O2 GOL K . 17.34 4.93 12.95
C3 GOL K . 15.13 5.87 12.53
O3 GOL K . 15.80 7.00 12.95
C1 GOL L . -23.46 10.35 -9.47
O1 GOL L . -22.11 10.70 -9.59
C2 GOL L . -24.12 11.43 -8.72
O2 GOL L . -23.94 12.65 -9.33
C3 GOL L . -25.66 11.04 -8.64
O3 GOL L . -26.23 11.14 -9.92
C1 GOL M . -26.33 16.25 -6.16
O1 GOL M . -26.73 17.41 -6.81
C2 GOL M . -25.31 15.46 -7.06
O2 GOL M . -25.67 14.09 -7.17
C3 GOL M . -25.28 16.20 -8.43
O3 GOL M . -24.19 15.72 -9.22
C1 GOL N . -33.40 -1.92 -6.56
O1 GOL N . -33.01 -0.60 -6.30
C2 GOL N . -34.61 -2.24 -5.63
O2 GOL N . -35.78 -1.69 -6.14
C3 GOL N . -34.65 -3.79 -5.55
O3 GOL N . -35.54 -4.11 -4.52
#